data_7F46
#
_entry.id   7F46
#
_cell.length_a   1.00
_cell.length_b   1.00
_cell.length_c   1.00
_cell.angle_alpha   90.00
_cell.angle_beta   90.00
_cell.angle_gamma   90.00
#
_symmetry.space_group_name_H-M   'P 1'
#
loop_
_entity.id
_entity.type
_entity.pdbx_description
1 polymer 'Spike glycoprotein'
2 polymer 'Heavy chain of 35B5 Fab'
3 polymer 'Light chain of 35B5 Fab'
4 non-polymer 2-acetamido-2-deoxy-beta-D-glucopyranose
#
loop_
_entity_poly.entity_id
_entity_poly.type
_entity_poly.pdbx_seq_one_letter_code
_entity_poly.pdbx_strand_id
1 'polypeptide(L)'
;MFVFLVLLPLVSSQCVNLTTRTQLPPAYTNSFTRGVYYPDKVFRSSVLHSTQDLFLPFFSNVTWFHAIHVSGTNGTKRFD
NPVLPFNDGVYFASTEKSNIIRGWIFGTTLDSKTQSLLIVNNATNVVIKVCEFQFCNDPFLGVYYHKNNKSWMESEFRVY
SSANNCTFEYVSQPFLMDLEGKQGNFKNLREFVFKNIDGYFKIYSKHTPINLVRDLPQGFSALEPLVDLPIGINITRFQT
LLALHRSYLTPGDSSSGWTAGAAAYYVGYLQPRTFLLKYNENGTITDAVDCALDPLSETKCTLKSFTVEKGIYQTSNFRV
QPTESIVRFPNITNLCPFGEVFNATRFASVYAWNRKRISNCVADYSVLYNSASFSTFKCYGVSPTKLNDLCFTNVYADSF
VIRGDEVRQIAPGQTGKIADYNYKLPDDFTGCVIAWNSNNLDSKVGGNYNYLYRLFRKSNLKPFERDISTEIYQAGSTPC
NGVEGFNCYFPLQSYGFQPTNGVGYQPYRVVVLSFELLHAPATVCGPKKSTNLVKNKCVNFNFNGLTGTGVLTESNKKFL
PFQQFGRDIADTTDAVRDPQTLEILDITPCSFGGVSVITPGTNTSNQVAVLYQDVNCTEVPVAIHADQLTPTWRVYSTGS
NVFQTRAGCLIGAEHVNNSYECDIPIGAGICASYQTQTNSPGSASSVASQSIIAYTMSLGAENSVAYSNNSIAIPTNFTI
SVTTEILPVSMTKTSVDCTMYICGDSTECSNLLLQYGSFCTQLNRALTGIAVEQDKNTQEVFAQVKQIYKTPPIKDFGGF
NFSQILPDPSKPSKRSPIEDLLFNKVTLADAGFIKQYGDCLGDIAARDLICAQKFNGLTVLPPLLTDEMIAQYTSALLAG
TITSGWTFGAGPALQIPFPMQMAYRFNGIGVTQNVLYENQKLIANQFNSAIGKIQDSLSSTPSALGKLQDVVNQNAQALN
TLVKQLSSNFGAISSVLNDILSRLDPPEAEVQIDRLITGRLQSLQTYVTQQLIRAAEIRASANLAATKMSECVLGQSKRV
DFCGKGYHLMSFPQSAPHGVVFLHVTYVPAQEKNFTTAPAICHDGKAHFPREGVFVSNGTHWFVTQRNFYEPQIITTDNT
FVSGNCDVVIGIVNNTVYDPLQPELDSFKEELDKYFKNHTSPDVDLGDISGINASVVNIQKEIDRLNEVAKNLNESLIDL
QELGKYEQGSGYIPEAPRDGQAYVRKDGEWVLLSTFLGRSLEVLFQGPGHHHHHHHHSAWSHPQFEKGGGSGGGGSGGSA
WSHPQFEK
;
C,B
2 'polypeptide(L)'
;QVQLLESGGGLVQPGRSLRLSCAASGFTFDDYAMHWVRQAPGKGLEWVSGVSWNSGTIGYADSVKGRFTISRDNAKNSLY
LHMRSLRAEDTALYYCAKAVEMVRGLMGLGADPEYGMDVWGQGTTVTVSSASTKGPSVFPLAPSSKSTSGGTAALGCLVK
DYFPEPVTVSWNSGALTSGVHTFPAVLQSSGLYSLSSVVTVPSSSLGTQTYICNVNHKPSNTKVDKKVEPKSCDKTH
;
H
3 'polypeptide(L)'
;DIVMTQSPLSLPVTPGEPASISCRSSQSLLHSNGYNYLDWYLQKPGQSPQLLIYLGSNRASGVPDRFSGSGSGTDFTLKI
SRVEAEDVGVYYCMQALQTPFTFGPGTKVDIKRTVAAPSVFIFPPSDEQLKSGTASVVCLLNNFYPREAKVQWKVDNALQ
SGNSQESVTEQDSKDSTYSLSSTLTLSKADYEKHKVYACEVTHQGLSSPVTKSFNRGEC
;
L
#
loop_
_chem_comp.id
_chem_comp.type
_chem_comp.name
_chem_comp.formula
NAG D-saccharide, beta linking 2-acetamido-2-deoxy-beta-D-glucopyranose 'C8 H15 N O6'
#
# COMPACT_ATOMS: atom_id res chain seq x y z
N ALA A 27 -21.37 45.46 -4.03
CA ALA A 27 -20.48 46.18 -4.94
C ALA A 27 -20.21 45.36 -6.20
N TYR A 28 -20.80 45.78 -7.32
CA TYR A 28 -20.59 45.14 -8.61
C TYR A 28 -19.97 46.16 -9.58
N THR A 29 -19.45 45.66 -10.70
CA THR A 29 -18.72 46.52 -11.63
C THR A 29 -19.16 46.24 -13.05
N ASN A 30 -19.07 47.28 -13.89
CA ASN A 30 -19.46 47.18 -15.30
C ASN A 30 -18.26 46.80 -16.14
N SER A 31 -18.20 45.54 -16.58
CA SER A 31 -17.09 45.05 -17.41
C SER A 31 -17.28 45.57 -18.82
N PHE A 32 -16.55 46.62 -19.17
CA PHE A 32 -16.78 47.33 -20.43
C PHE A 32 -16.60 46.44 -21.64
N THR A 33 -15.38 45.96 -21.91
CA THR A 33 -15.14 45.16 -23.11
C THR A 33 -14.18 44.00 -22.86
N ARG A 34 -13.86 43.66 -21.62
CA ARG A 34 -12.81 42.69 -21.34
C ARG A 34 -13.21 41.29 -21.80
N GLY A 35 -12.20 40.48 -22.12
CA GLY A 35 -12.40 39.05 -22.22
C GLY A 35 -12.24 38.39 -23.58
N VAL A 36 -11.54 39.05 -24.51
CA VAL A 36 -11.37 38.53 -25.87
C VAL A 36 -9.93 38.05 -26.05
N TYR A 37 -9.77 36.77 -26.34
CA TYR A 37 -8.47 36.12 -26.46
C TYR A 37 -8.28 35.55 -27.85
N TYR A 38 -7.15 34.88 -28.06
CA TYR A 38 -6.87 34.29 -29.40
C TYR A 38 -7.32 32.83 -29.38
N PRO A 39 -8.40 32.45 -30.11
CA PRO A 39 -8.92 31.08 -30.02
C PRO A 39 -8.12 30.08 -30.82
N ASP A 40 -7.54 30.51 -31.95
CA ASP A 40 -6.86 29.63 -32.87
C ASP A 40 -5.41 30.04 -33.03
N LYS A 41 -4.54 29.05 -33.20
CA LYS A 41 -3.10 29.25 -33.24
C LYS A 41 -2.59 29.49 -34.66
N VAL A 42 -3.44 29.99 -35.55
CA VAL A 42 -3.08 30.22 -36.94
C VAL A 42 -3.18 31.72 -37.21
N PHE A 43 -2.14 32.27 -37.80
CA PHE A 43 -2.06 33.70 -38.02
C PHE A 43 -3.13 34.16 -38.99
N ARG A 44 -3.62 35.39 -38.80
CA ARG A 44 -4.49 36.05 -39.75
C ARG A 44 -3.93 37.45 -39.98
N SER A 45 -4.60 38.24 -40.83
CA SER A 45 -4.08 39.58 -41.12
C SER A 45 -5.18 40.44 -41.68
N SER A 46 -5.45 41.58 -41.03
CA SER A 46 -6.35 42.61 -41.52
C SER A 46 -7.68 42.04 -42.01
N VAL A 47 -8.16 41.03 -41.29
CA VAL A 47 -9.30 40.23 -41.73
C VAL A 47 -10.33 40.13 -40.62
N LEU A 48 -11.60 40.16 -41.00
CA LEU A 48 -12.71 40.09 -40.05
C LEU A 48 -13.12 38.63 -39.93
N HIS A 49 -12.85 38.01 -38.80
CA HIS A 49 -13.19 36.60 -38.62
C HIS A 49 -14.26 36.46 -37.55
N SER A 50 -15.33 35.76 -37.88
CA SER A 50 -16.45 35.54 -36.98
C SER A 50 -16.35 34.12 -36.41
N THR A 51 -16.19 34.04 -35.09
CA THR A 51 -15.99 32.76 -34.42
C THR A 51 -16.92 32.65 -33.23
N GLN A 52 -17.47 31.46 -33.00
CA GLN A 52 -18.24 31.20 -31.80
C GLN A 52 -17.35 30.47 -30.81
N ASP A 53 -17.35 30.93 -29.56
CA ASP A 53 -16.49 30.36 -28.53
C ASP A 53 -17.08 30.67 -27.17
N LEU A 54 -16.30 30.39 -26.13
CA LEU A 54 -16.69 30.63 -24.75
C LEU A 54 -16.03 31.92 -24.30
N PHE A 55 -16.76 33.02 -24.36
CA PHE A 55 -16.25 34.35 -24.10
C PHE A 55 -16.96 34.94 -22.90
N LEU A 56 -16.55 36.15 -22.52
CA LEU A 56 -17.26 36.90 -21.49
C LEU A 56 -18.12 37.94 -22.18
N PRO A 57 -19.44 37.88 -22.05
CA PRO A 57 -20.29 38.80 -22.81
C PRO A 57 -19.98 40.26 -22.50
N PHE A 58 -20.09 41.09 -23.51
CA PHE A 58 -19.88 42.52 -23.31
C PHE A 58 -20.86 43.05 -22.28
N PHE A 59 -20.39 43.98 -21.46
CA PHE A 59 -21.23 44.70 -20.50
C PHE A 59 -21.93 43.75 -19.53
N SER A 60 -21.14 43.11 -18.70
CA SER A 60 -21.67 42.31 -17.61
C SER A 60 -21.36 42.98 -16.28
N ASN A 61 -21.95 42.41 -15.23
CA ASN A 61 -21.71 42.85 -13.86
C ASN A 61 -20.69 41.88 -13.25
N VAL A 62 -19.45 42.28 -13.22
CA VAL A 62 -18.42 41.47 -12.60
C VAL A 62 -18.43 41.71 -11.09
N THR A 63 -18.22 40.63 -10.34
CA THR A 63 -18.21 40.68 -8.88
C THR A 63 -16.93 41.34 -8.39
N TRP A 64 -17.08 42.28 -7.47
CA TRP A 64 -15.94 42.91 -6.80
C TRP A 64 -15.57 42.09 -5.57
N PHE A 65 -14.31 42.21 -5.16
CA PHE A 65 -13.87 41.70 -3.86
C PHE A 65 -12.86 42.67 -3.28
N HIS A 66 -13.15 43.18 -2.08
CA HIS A 66 -12.25 44.04 -1.32
C HIS A 66 -11.58 43.22 -0.22
N ALA A 67 -10.30 43.48 0.03
CA ALA A 67 -9.53 42.72 1.01
C ALA A 67 -9.30 43.50 2.31
N ILE A 68 -10.32 44.18 2.81
CA ILE A 68 -10.20 44.97 4.04
C ILE A 68 -10.63 44.12 5.23
N HIS A 69 -9.84 44.16 6.30
CA HIS A 69 -10.15 43.51 7.57
C HIS A 69 -10.51 42.02 7.43
N ASP A 80 -12.53 39.80 -0.62
CA ASP A 80 -12.72 38.66 0.31
C ASP A 80 -12.08 37.40 -0.26
N ASN A 81 -11.99 36.33 0.53
CA ASN A 81 -11.39 35.05 0.05
C ASN A 81 -12.38 33.90 0.27
N PRO A 82 -13.64 33.97 -0.21
CA PRO A 82 -14.59 32.86 -0.10
C PRO A 82 -14.49 31.94 -1.30
N VAL A 83 -15.21 30.84 -1.23
CA VAL A 83 -15.19 29.85 -2.30
C VAL A 83 -16.13 30.32 -3.40
N LEU A 84 -15.61 30.43 -4.61
CA LEU A 84 -16.37 30.86 -5.77
C LEU A 84 -16.73 29.67 -6.65
N PRO A 85 -17.74 29.81 -7.49
CA PRO A 85 -18.04 28.76 -8.47
C PRO A 85 -17.07 28.75 -9.65
N PHE A 86 -16.93 27.58 -10.25
CA PHE A 86 -16.10 27.34 -11.44
C PHE A 86 -16.92 26.69 -12.53
N ASN A 87 -18.08 27.29 -12.81
CA ASN A 87 -19.04 26.68 -13.71
C ASN A 87 -18.49 26.54 -15.12
N ASP A 88 -17.98 27.62 -15.71
CA ASP A 88 -17.64 27.64 -17.13
C ASP A 88 -16.30 28.34 -17.37
N GLY A 89 -15.29 28.02 -16.56
CA GLY A 89 -14.06 28.78 -16.62
C GLY A 89 -14.28 30.09 -15.90
N VAL A 90 -13.24 30.90 -15.75
CA VAL A 90 -13.33 32.12 -14.94
C VAL A 90 -12.43 33.18 -15.52
N TYR A 91 -12.95 34.40 -15.66
CA TYR A 91 -12.13 35.55 -15.94
C TYR A 91 -11.78 36.21 -14.60
N PHE A 92 -10.51 36.21 -14.25
CA PHE A 92 -10.04 36.73 -12.97
C PHE A 92 -9.15 37.94 -13.24
N ALA A 93 -9.59 39.12 -12.82
CA ALA A 93 -8.80 40.34 -13.03
C ALA A 93 -8.27 40.81 -11.69
N SER A 94 -6.95 40.92 -11.57
CA SER A 94 -6.32 41.34 -10.33
C SER A 94 -5.63 42.68 -10.56
N THR A 95 -6.13 43.72 -9.91
CA THR A 95 -5.43 44.99 -9.84
C THR A 95 -4.47 44.96 -8.66
N GLU A 96 -3.23 45.38 -8.87
CA GLU A 96 -2.20 45.15 -7.88
C GLU A 96 -1.18 46.28 -7.87
N LYS A 97 -0.85 46.77 -6.68
CA LYS A 97 0.33 47.58 -6.45
C LYS A 97 1.13 47.10 -5.25
N SER A 98 0.72 46.01 -4.60
CA SER A 98 1.39 45.47 -3.45
C SER A 98 1.89 44.04 -3.63
N ASN A 99 1.36 43.31 -4.60
CA ASN A 99 1.81 41.95 -4.92
C ASN A 99 1.66 41.01 -3.71
N ILE A 100 0.40 40.86 -3.28
CA ILE A 100 0.08 39.94 -2.20
C ILE A 100 -0.71 38.74 -2.69
N ILE A 101 -1.40 38.84 -3.83
CA ILE A 101 -2.05 37.68 -4.44
C ILE A 101 -0.98 36.65 -4.77
N ARG A 102 -1.29 35.37 -4.54
CA ARG A 102 -0.23 34.39 -4.76
C ARG A 102 -0.61 33.23 -5.66
N GLY A 103 -1.89 32.88 -5.73
CA GLY A 103 -2.22 31.78 -6.61
C GLY A 103 -3.66 31.35 -6.51
N TRP A 104 -3.86 30.05 -6.67
CA TRP A 104 -5.20 29.52 -6.89
C TRP A 104 -5.25 28.06 -6.47
N ILE A 105 -6.38 27.65 -5.90
CA ILE A 105 -6.64 26.26 -5.55
C ILE A 105 -7.93 25.84 -6.23
N PHE A 106 -7.84 24.83 -7.10
CA PHE A 106 -8.98 24.36 -7.87
C PHE A 106 -9.31 22.93 -7.43
N GLY A 107 -10.59 22.63 -7.28
CA GLY A 107 -10.98 21.29 -6.90
C GLY A 107 -12.44 21.25 -6.50
N THR A 108 -12.81 20.11 -5.91
CA THR A 108 -14.18 19.89 -5.45
C THR A 108 -14.19 19.36 -4.02
N THR A 109 -13.11 18.68 -3.62
CA THR A 109 -13.00 18.03 -2.32
C THR A 109 -12.14 18.83 -1.35
N LEU A 110 -10.92 19.18 -1.75
CA LEU A 110 -10.07 20.17 -1.10
C LEU A 110 -9.50 19.71 0.25
N ASP A 111 -9.46 18.40 0.52
CA ASP A 111 -8.71 17.93 1.69
C ASP A 111 -8.17 16.54 1.39
N SER A 112 -6.98 16.50 0.80
CA SER A 112 -6.25 15.27 0.48
C SER A 112 -7.17 14.15 -0.03
N LYS A 113 -8.04 14.50 -0.97
CA LYS A 113 -8.95 13.53 -1.56
C LYS A 113 -8.70 13.32 -3.05
N THR A 114 -8.71 14.38 -3.85
CA THR A 114 -8.49 14.29 -5.28
C THR A 114 -7.40 15.29 -5.67
N GLN A 115 -6.95 15.16 -6.92
CA GLN A 115 -5.82 15.97 -7.42
C GLN A 115 -6.30 17.40 -7.64
N SER A 116 -6.31 18.17 -6.55
CA SER A 116 -6.74 19.56 -6.60
C SER A 116 -5.60 20.42 -7.16
N LEU A 117 -5.87 21.13 -8.24
CA LEU A 117 -4.84 21.94 -8.88
C LEU A 117 -4.46 23.12 -7.98
N LEU A 118 -3.22 23.58 -8.14
CA LEU A 118 -2.69 24.68 -7.35
C LEU A 118 -1.70 25.47 -8.18
N ILE A 119 -1.84 26.80 -8.14
CA ILE A 119 -0.87 27.72 -8.72
C ILE A 119 -0.30 28.55 -7.57
N VAL A 120 1.03 28.56 -7.43
CA VAL A 120 1.69 29.34 -6.40
C VAL A 120 2.82 30.14 -7.02
N ASN A 121 2.88 31.44 -6.71
CA ASN A 121 3.91 32.33 -7.23
C ASN A 121 4.62 33.01 -6.06
N ASN A 122 5.86 32.64 -5.81
CA ASN A 122 6.70 33.34 -4.85
C ASN A 122 7.94 33.89 -5.55
N ALA A 123 8.76 34.61 -4.78
CA ALA A 123 9.73 35.56 -5.32
C ALA A 123 10.62 34.98 -6.41
N THR A 124 10.71 33.65 -6.53
CA THR A 124 11.44 33.03 -7.62
C THR A 124 10.68 31.93 -8.34
N ASN A 125 9.70 31.29 -7.71
CA ASN A 125 9.14 30.05 -8.21
C ASN A 125 7.68 30.24 -8.59
N VAL A 126 7.32 29.80 -9.80
CA VAL A 126 5.94 29.74 -10.24
C VAL A 126 5.60 28.28 -10.43
N VAL A 127 5.04 27.65 -9.42
CA VAL A 127 4.82 26.21 -9.39
C VAL A 127 3.36 25.91 -9.66
N ILE A 128 3.11 25.02 -10.61
CA ILE A 128 1.79 24.47 -10.89
C ILE A 128 1.81 23.03 -10.43
N LYS A 129 0.96 22.69 -9.46
CA LYS A 129 0.99 21.32 -8.91
C LYS A 129 -0.44 20.79 -8.78
N VAL A 130 -0.58 19.46 -8.74
CA VAL A 130 -1.93 18.84 -8.62
C VAL A 130 -1.89 17.81 -7.50
N CYS A 131 -1.10 18.06 -6.45
CA CYS A 131 -1.07 17.14 -5.32
C CYS A 131 -2.39 17.17 -4.57
N GLU A 132 -2.57 16.16 -3.70
CA GLU A 132 -3.73 16.14 -2.77
C GLU A 132 -3.21 16.83 -1.52
N PHE A 133 -3.33 18.16 -1.45
CA PHE A 133 -2.71 18.95 -0.40
C PHE A 133 -3.43 18.79 0.93
N GLN A 134 -2.67 18.59 2.00
CA GLN A 134 -3.23 18.43 3.34
C GLN A 134 -3.01 19.74 4.10
N PHE A 135 -3.84 20.73 3.79
CA PHE A 135 -3.97 21.90 4.65
C PHE A 135 -5.27 22.58 4.24
N CYS A 136 -6.22 22.65 5.18
CA CYS A 136 -7.61 22.89 4.81
C CYS A 136 -7.82 24.28 4.22
N ASN A 137 -7.37 25.31 4.91
CA ASN A 137 -7.78 26.69 4.62
C ASN A 137 -6.56 27.56 4.37
N ASP A 138 -6.39 28.00 3.12
CA ASP A 138 -5.41 29.02 2.76
C ASP A 138 -3.98 28.61 3.10
N PRO A 139 -3.39 27.66 2.37
CA PRO A 139 -2.01 27.22 2.63
C PRO A 139 -0.99 28.22 2.11
N PHE A 140 -0.30 28.90 3.04
CA PHE A 140 0.83 29.76 2.73
C PHE A 140 1.47 30.21 4.03
N LEU A 141 2.61 30.89 3.93
CA LEU A 141 3.31 31.40 5.14
C LEU A 141 2.77 32.79 5.49
N GLY A 142 2.72 33.12 6.78
CA GLY A 142 2.25 34.46 7.22
C GLY A 142 3.36 35.50 7.13
N VAL A 143 3.01 36.77 7.27
CA VAL A 143 4.02 37.87 7.21
C VAL A 143 3.91 38.70 8.50
N ASN A 165 0.25 11.04 -2.69
CA ASN A 165 -1.06 11.30 -3.35
C ASN A 165 -0.91 12.49 -4.31
N CYS A 166 0.06 12.43 -5.23
CA CYS A 166 0.30 13.51 -6.22
C CYS A 166 0.55 12.87 -7.59
N THR A 167 0.37 13.63 -8.68
CA THR A 167 0.52 13.05 -10.04
C THR A 167 1.50 13.88 -10.88
N PHE A 168 1.20 15.16 -11.14
CA PHE A 168 2.07 15.96 -12.06
C PHE A 168 2.41 17.33 -11.46
N GLU A 169 3.48 17.96 -11.95
CA GLU A 169 3.88 19.32 -11.48
C GLU A 169 4.58 20.06 -12.62
N TYR A 170 4.60 21.40 -12.58
CA TYR A 170 5.28 22.21 -13.62
C TYR A 170 6.03 23.37 -12.96
N VAL A 171 7.16 23.80 -13.56
CA VAL A 171 7.92 24.89 -12.97
C VAL A 171 8.39 25.81 -14.10
N SER A 172 8.27 27.12 -13.89
CA SER A 172 8.74 28.09 -14.86
C SER A 172 9.86 28.95 -14.28
N PHE A 186 -3.17 48.72 -6.95
CA PHE A 186 -3.83 49.49 -8.04
C PHE A 186 -2.78 50.25 -8.86
N LYS A 187 -1.71 49.57 -9.26
CA LYS A 187 -0.67 50.22 -10.12
C LYS A 187 -0.40 49.31 -11.32
N ASN A 188 -1.11 48.18 -11.41
CA ASN A 188 -0.96 47.28 -12.53
C ASN A 188 -2.21 46.43 -12.60
N LEU A 189 -2.45 45.85 -13.77
CA LEU A 189 -3.64 45.01 -13.99
C LEU A 189 -3.24 43.72 -14.67
N ARG A 190 -3.28 42.61 -13.93
CA ARG A 190 -3.00 41.30 -14.51
C ARG A 190 -4.31 40.54 -14.61
N GLU A 191 -4.72 40.23 -15.83
CA GLU A 191 -6.02 39.62 -16.07
C GLU A 191 -5.84 38.29 -16.78
N PHE A 192 -6.46 37.25 -16.21
CA PHE A 192 -6.28 35.89 -16.65
C PHE A 192 -7.64 35.32 -16.99
N VAL A 193 -7.68 34.32 -17.86
CA VAL A 193 -8.89 33.56 -18.10
C VAL A 193 -8.54 32.09 -18.02
N PHE A 194 -9.38 31.32 -17.33
CA PHE A 194 -9.14 29.90 -17.09
C PHE A 194 -10.24 29.10 -17.77
N LYS A 195 -9.83 28.09 -18.54
CA LYS A 195 -10.76 27.23 -19.27
C LYS A 195 -10.29 25.79 -19.15
N ASN A 196 -11.22 24.85 -19.31
CA ASN A 196 -10.88 23.43 -19.21
C ASN A 196 -11.69 22.65 -20.25
N ILE A 197 -11.02 22.22 -21.31
CA ILE A 197 -11.67 21.50 -22.40
C ILE A 197 -10.89 20.23 -22.69
N ASP A 198 -11.59 19.09 -22.62
CA ASP A 198 -11.04 17.78 -23.00
C ASP A 198 -9.70 17.51 -22.32
N GLY A 199 -9.67 17.70 -21.00
CA GLY A 199 -8.48 17.41 -20.25
C GLY A 199 -7.33 18.39 -20.46
N TYR A 200 -7.53 19.44 -21.23
CA TYR A 200 -6.55 20.51 -21.39
C TYR A 200 -7.04 21.72 -20.61
N PHE A 201 -6.29 22.10 -19.58
CA PHE A 201 -6.56 23.27 -18.76
C PHE A 201 -5.75 24.43 -19.34
N LYS A 202 -6.43 25.40 -19.91
CA LYS A 202 -5.79 26.48 -20.65
C LYS A 202 -5.92 27.79 -19.87
N ILE A 203 -4.79 28.48 -19.71
CA ILE A 203 -4.71 29.73 -18.96
C ILE A 203 -4.18 30.80 -19.90
N TYR A 204 -4.96 31.84 -20.12
CA TYR A 204 -4.56 32.93 -21.00
C TYR A 204 -4.39 34.19 -20.16
N SER A 205 -3.21 34.80 -20.21
CA SER A 205 -2.91 35.89 -19.30
C SER A 205 -2.58 37.17 -20.06
N LYS A 206 -2.58 38.28 -19.33
CA LYS A 206 -2.04 39.52 -19.85
C LYS A 206 -1.77 40.49 -18.70
N HIS A 207 -0.62 41.17 -18.78
CA HIS A 207 -0.24 42.17 -17.80
C HIS A 207 -0.26 43.55 -18.46
N THR A 208 -0.88 44.51 -17.79
CA THR A 208 -1.03 45.85 -18.35
C THR A 208 -0.65 46.91 -17.32
N PRO A 209 0.01 47.98 -17.75
CA PRO A 209 0.39 49.05 -16.83
C PRO A 209 -0.69 50.11 -16.70
N ILE A 210 -1.13 50.36 -15.47
CA ILE A 210 -2.17 51.35 -15.20
C ILE A 210 -1.75 52.23 -14.03
N ASN A 211 -2.28 53.45 -14.00
CA ASN A 211 -2.15 54.37 -12.88
C ASN A 211 -3.56 54.84 -12.51
N LEU A 212 -4.23 54.05 -11.69
CA LEU A 212 -5.58 54.37 -11.22
C LEU A 212 -5.84 53.51 -9.99
N VAL A 213 -6.55 54.08 -9.02
CA VAL A 213 -6.69 53.46 -7.71
C VAL A 213 -8.06 52.85 -7.46
N ARG A 214 -9.05 53.13 -8.32
CA ARG A 214 -10.44 52.88 -7.96
C ARG A 214 -11.01 51.59 -8.55
N ASP A 215 -11.02 51.46 -9.87
CA ASP A 215 -11.89 50.50 -10.54
C ASP A 215 -11.15 49.81 -11.67
N LEU A 216 -11.88 48.93 -12.36
CA LEU A 216 -11.40 48.31 -13.59
C LEU A 216 -11.52 49.30 -14.73
N PRO A 217 -10.44 49.61 -15.44
CA PRO A 217 -10.47 50.75 -16.37
C PRO A 217 -11.34 50.54 -17.59
N GLN A 218 -11.40 51.55 -18.44
CA GLN A 218 -12.18 51.54 -19.67
C GLN A 218 -11.21 51.50 -20.84
N GLY A 219 -11.29 50.43 -21.63
CA GLY A 219 -10.38 50.26 -22.74
C GLY A 219 -10.39 48.83 -23.23
N PHE A 220 -9.69 48.64 -24.35
CA PHE A 220 -9.67 47.36 -25.04
C PHE A 220 -8.24 46.86 -25.19
N SER A 221 -8.09 45.54 -25.10
CA SER A 221 -6.81 44.87 -25.32
C SER A 221 -7.10 43.42 -25.68
N ALA A 222 -6.11 42.77 -26.27
CA ALA A 222 -6.24 41.37 -26.65
C ALA A 222 -6.00 40.54 -25.40
N LEU A 223 -5.97 39.21 -25.54
CA LEU A 223 -5.70 38.39 -24.37
C LEU A 223 -4.88 37.18 -24.83
N GLU A 224 -3.57 37.28 -24.69
CA GLU A 224 -2.66 36.29 -25.26
C GLU A 224 -2.83 34.93 -24.59
N PRO A 225 -2.90 33.84 -25.36
CA PRO A 225 -3.01 32.50 -24.76
C PRO A 225 -1.65 32.00 -24.27
N LEU A 226 -1.54 31.75 -22.97
CA LEU A 226 -0.23 31.49 -22.38
C LEU A 226 0.11 30.01 -22.28
N VAL A 227 -0.64 29.24 -21.49
CA VAL A 227 -0.19 27.91 -21.09
C VAL A 227 -1.34 26.90 -21.14
N ASP A 228 -0.97 25.64 -21.31
CA ASP A 228 -1.91 24.53 -21.20
C ASP A 228 -1.33 23.42 -20.33
N LEU A 229 -2.21 22.73 -19.59
CA LEU A 229 -1.82 21.67 -18.67
C LEU A 229 -2.68 20.44 -18.93
N PRO A 230 -2.08 19.25 -19.11
CA PRO A 230 -2.82 17.98 -19.29
C PRO A 230 -3.17 17.20 -18.01
N ILE A 231 -4.26 17.60 -17.35
CA ILE A 231 -4.71 16.94 -16.11
C ILE A 231 -6.07 16.27 -16.30
N GLY A 232 -7.11 17.04 -16.59
CA GLY A 232 -8.41 16.47 -16.89
C GLY A 232 -9.22 15.98 -15.71
N ILE A 233 -9.64 16.89 -14.83
CA ILE A 233 -10.47 16.56 -13.68
C ILE A 233 -11.65 17.51 -13.63
N ASN A 234 -12.74 17.06 -13.00
CA ASN A 234 -13.93 17.88 -12.84
C ASN A 234 -13.69 18.89 -11.72
N ILE A 235 -13.85 20.18 -12.04
CA ILE A 235 -13.65 21.27 -11.10
C ILE A 235 -14.94 22.08 -11.05
N THR A 236 -15.45 22.30 -9.84
CA THR A 236 -16.65 23.11 -9.66
C THR A 236 -16.46 24.32 -8.76
N ARG A 237 -15.36 24.38 -8.01
CA ARG A 237 -15.10 25.51 -7.14
C ARG A 237 -13.62 25.86 -7.22
N PHE A 238 -13.32 27.11 -6.90
CA PHE A 238 -11.93 27.54 -6.84
C PHE A 238 -11.82 28.66 -5.81
N GLN A 239 -10.60 28.86 -5.32
CA GLN A 239 -10.39 29.87 -4.29
C GLN A 239 -9.01 30.49 -4.46
N THR A 240 -8.98 31.81 -4.52
CA THR A 240 -7.72 32.53 -4.56
C THR A 240 -7.10 32.58 -3.17
N LEU A 241 -5.80 32.91 -3.12
CA LEU A 241 -5.10 32.95 -1.85
C LEU A 241 -4.08 34.08 -1.84
N LEU A 242 -3.71 34.48 -0.63
CA LEU A 242 -2.98 35.71 -0.38
C LEU A 242 -1.85 35.41 0.58
N ALA A 243 -1.21 36.43 1.16
CA ALA A 243 -0.19 36.24 2.18
C ALA A 243 -0.70 36.75 3.51
N LEU A 244 -0.47 35.98 4.58
CA LEU A 244 -0.94 36.32 5.90
C LEU A 244 -0.02 37.37 6.53
N HIS A 245 -0.42 37.85 7.70
CA HIS A 245 0.40 38.82 8.45
C HIS A 245 0.26 38.62 9.95
N ALA A 263 -6.08 44.78 -0.46
CA ALA A 263 -6.12 44.69 -1.91
C ALA A 263 -7.55 44.50 -2.41
N ALA A 264 -7.68 44.19 -3.70
CA ALA A 264 -8.99 44.01 -4.30
C ALA A 264 -8.81 43.25 -5.61
N TYR A 265 -9.91 42.73 -6.13
CA TYR A 265 -9.90 42.13 -7.46
C TYR A 265 -11.32 42.00 -7.96
N TYR A 266 -11.47 41.46 -9.17
CA TYR A 266 -12.77 41.31 -9.80
C TYR A 266 -12.83 39.94 -10.46
N VAL A 267 -14.03 39.37 -10.53
CA VAL A 267 -14.22 38.08 -11.17
C VAL A 267 -15.43 38.17 -12.09
N GLY A 268 -15.39 37.42 -13.18
CA GLY A 268 -16.53 37.27 -14.06
C GLY A 268 -16.57 35.87 -14.62
N TYR A 269 -17.72 35.48 -15.13
CA TYR A 269 -17.89 34.13 -15.65
C TYR A 269 -18.11 34.16 -17.15
N LEU A 270 -18.01 32.99 -17.78
CA LEU A 270 -17.96 32.86 -19.23
C LEU A 270 -19.21 32.19 -19.76
N GLN A 271 -19.66 32.65 -20.92
CA GLN A 271 -20.83 32.15 -21.64
C GLN A 271 -20.47 31.91 -23.10
N PRO A 272 -21.18 30.99 -23.77
CA PRO A 272 -20.84 30.65 -25.17
C PRO A 272 -21.38 31.62 -26.20
N ARG A 273 -20.63 32.68 -26.50
CA ARG A 273 -21.05 33.70 -27.42
C ARG A 273 -20.44 33.50 -28.81
N THR A 274 -20.70 34.46 -29.69
CA THR A 274 -20.22 34.42 -31.08
C THR A 274 -19.72 35.81 -31.43
N PHE A 275 -18.41 36.00 -31.45
CA PHE A 275 -17.82 37.30 -31.69
C PHE A 275 -17.43 37.45 -33.15
N LEU A 276 -17.25 38.71 -33.55
CA LEU A 276 -16.59 39.07 -34.81
C LEU A 276 -15.34 39.85 -34.43
N LEU A 277 -14.16 39.26 -34.67
CA LEU A 277 -12.90 39.87 -34.31
C LEU A 277 -12.28 40.52 -35.53
N LYS A 278 -11.62 41.65 -35.29
CA LYS A 278 -10.92 42.41 -36.32
C LYS A 278 -9.42 42.16 -36.16
N TYR A 279 -8.90 41.17 -36.88
CA TYR A 279 -7.45 40.98 -36.88
C TYR A 279 -6.82 42.12 -37.67
N ASN A 280 -5.92 42.86 -37.03
CA ASN A 280 -5.34 44.05 -37.63
C ASN A 280 -4.14 43.67 -38.49
N GLU A 281 -3.37 44.68 -38.91
CA GLU A 281 -2.31 44.45 -39.89
C GLU A 281 -1.24 43.50 -39.34
N ASN A 282 -0.71 43.78 -38.16
CA ASN A 282 0.26 42.85 -37.58
C ASN A 282 -0.39 41.56 -37.12
N GLY A 283 -1.72 41.51 -37.04
CA GLY A 283 -2.41 40.33 -36.58
C GLY A 283 -2.81 40.32 -35.12
N THR A 284 -3.15 41.49 -34.56
CA THR A 284 -3.54 41.61 -33.16
C THR A 284 -4.97 42.12 -33.10
N ILE A 285 -5.81 41.46 -32.28
CA ILE A 285 -7.21 41.84 -32.20
C ILE A 285 -7.31 43.29 -31.77
N THR A 286 -7.81 44.14 -32.65
CA THR A 286 -7.96 45.55 -32.33
C THR A 286 -9.38 45.93 -31.96
N ASP A 287 -10.35 45.06 -32.24
CA ASP A 287 -11.74 45.31 -31.89
C ASP A 287 -12.53 44.03 -32.09
N ALA A 288 -13.70 43.99 -31.46
CA ALA A 288 -14.57 42.83 -31.58
C ALA A 288 -16.00 43.26 -31.28
N VAL A 289 -16.94 42.64 -31.97
CA VAL A 289 -18.36 42.91 -31.73
C VAL A 289 -19.05 41.61 -31.32
N ASP A 290 -19.86 41.69 -30.27
CA ASP A 290 -20.61 40.57 -29.73
C ASP A 290 -21.99 40.61 -30.34
N THR B 333 17.93 10.12 -33.04
CA THR B 333 16.91 9.11 -33.30
C THR B 333 16.73 8.24 -32.07
N ASN B 334 15.72 8.55 -31.27
CA ASN B 334 15.40 7.79 -30.05
C ASN B 334 14.01 7.17 -30.23
N LEU B 335 13.97 5.86 -30.40
CA LEU B 335 12.70 5.18 -30.64
C LEU B 335 11.79 5.31 -29.44
N CYS B 336 10.51 5.00 -29.67
CA CYS B 336 9.52 5.18 -28.63
C CYS B 336 9.16 3.85 -27.99
N PRO B 337 8.87 3.83 -26.70
CA PRO B 337 8.58 2.55 -26.03
C PRO B 337 7.18 2.02 -26.29
N PHE B 338 6.98 1.34 -27.41
CA PHE B 338 5.80 0.52 -27.59
C PHE B 338 5.96 -0.85 -26.93
N GLY B 339 7.19 -1.35 -26.83
CA GLY B 339 7.43 -2.66 -26.25
C GLY B 339 7.00 -2.78 -24.81
N GLU B 340 6.79 -1.67 -24.12
CA GLU B 340 6.35 -1.66 -22.73
C GLU B 340 4.84 -1.76 -22.59
N VAL B 341 4.11 -1.81 -23.70
CA VAL B 341 2.65 -1.86 -23.63
C VAL B 341 2.15 -3.15 -24.25
N PHE B 342 2.83 -3.61 -25.31
CA PHE B 342 2.35 -4.81 -26.03
C PHE B 342 2.86 -6.07 -25.34
N ASN B 343 4.03 -5.97 -24.71
CA ASN B 343 4.62 -7.14 -24.01
C ASN B 343 4.29 -7.04 -22.51
N ALA B 344 3.23 -6.31 -22.16
CA ALA B 344 2.81 -6.21 -20.75
C ALA B 344 2.45 -7.60 -20.23
N THR B 345 2.99 -7.98 -19.06
CA THR B 345 2.72 -9.33 -18.51
C THR B 345 1.21 -9.51 -18.33
N ARG B 346 0.54 -8.53 -17.74
CA ARG B 346 -0.94 -8.61 -17.52
C ARG B 346 -1.60 -7.39 -18.16
N PHE B 347 -2.89 -7.49 -18.46
CA PHE B 347 -3.64 -6.35 -19.05
C PHE B 347 -4.86 -6.02 -18.19
N ALA B 348 -5.04 -4.74 -17.84
CA ALA B 348 -6.16 -4.32 -17.03
C ALA B 348 -7.48 -4.90 -17.56
N SER B 349 -8.43 -5.07 -16.66
CA SER B 349 -9.75 -5.53 -17.05
C SER B 349 -10.42 -4.51 -17.96
N VAL B 350 -11.56 -4.89 -18.54
CA VAL B 350 -12.19 -4.04 -19.55
C VAL B 350 -12.77 -2.78 -18.94
N TYR B 351 -13.40 -2.88 -17.77
CA TYR B 351 -14.11 -1.75 -17.19
C TYR B 351 -13.19 -0.71 -16.57
N ALA B 352 -11.90 -1.00 -16.47
CA ALA B 352 -10.89 -0.05 -15.99
C ALA B 352 -9.71 -0.03 -16.95
N TRP B 353 -10.02 0.13 -18.24
CA TRP B 353 -9.02 0.02 -19.28
C TRP B 353 -7.86 0.99 -19.06
N ASN B 354 -6.64 0.51 -19.25
CA ASN B 354 -5.48 1.37 -19.06
C ASN B 354 -5.39 2.39 -20.19
N ARG B 355 -4.94 3.59 -19.84
CA ARG B 355 -4.98 4.78 -20.72
C ARG B 355 -3.63 5.48 -20.63
N LYS B 356 -2.73 5.19 -21.56
CA LYS B 356 -1.37 5.69 -21.51
C LYS B 356 -1.13 6.75 -22.58
N ARG B 357 -0.41 7.82 -22.20
CA ARG B 357 0.03 8.84 -23.12
C ARG B 357 1.34 8.45 -23.77
N ILE B 358 1.59 8.99 -24.96
CA ILE B 358 2.89 8.85 -25.61
C ILE B 358 3.21 10.16 -26.32
N SER B 359 4.41 10.69 -26.09
CA SER B 359 4.81 11.95 -26.69
C SER B 359 6.33 12.02 -26.76
N ASN B 360 6.81 12.91 -27.63
CA ASN B 360 8.24 13.20 -27.78
C ASN B 360 9.02 11.94 -28.14
N CYS B 361 8.71 11.40 -29.32
CA CYS B 361 9.30 10.16 -29.79
C CYS B 361 9.55 10.27 -31.29
N VAL B 362 10.02 9.17 -31.86
CA VAL B 362 9.88 8.90 -33.29
C VAL B 362 9.27 7.49 -33.26
N ALA B 363 7.96 7.41 -33.50
CA ALA B 363 7.26 6.14 -33.35
C ALA B 363 7.55 5.31 -34.59
N ASP B 364 7.75 4.02 -34.38
CA ASP B 364 8.06 3.08 -35.45
C ASP B 364 6.83 2.21 -35.70
N TYR B 365 6.06 2.56 -36.73
CA TYR B 365 4.88 1.79 -37.06
C TYR B 365 5.18 0.58 -37.94
N SER B 366 6.45 0.39 -38.32
CA SER B 366 6.78 -0.73 -39.20
C SER B 366 6.59 -2.07 -38.51
N VAL B 367 7.00 -2.16 -37.24
CA VAL B 367 6.90 -3.43 -36.53
C VAL B 367 5.45 -3.77 -36.23
N LEU B 368 4.66 -2.77 -35.83
CA LEU B 368 3.31 -3.03 -35.35
C LEU B 368 2.41 -3.58 -36.44
N TYR B 369 2.80 -3.41 -37.70
CA TYR B 369 1.98 -3.90 -38.81
C TYR B 369 2.51 -5.20 -39.39
N ASN B 370 3.83 -5.33 -39.54
CA ASN B 370 4.40 -6.51 -40.17
C ASN B 370 4.30 -7.75 -39.27
N SER B 371 4.06 -7.58 -37.98
CA SER B 371 4.14 -8.69 -37.04
C SER B 371 3.15 -9.79 -37.41
N ALA B 372 3.57 -11.03 -37.18
CA ALA B 372 2.79 -12.21 -37.55
C ALA B 372 2.05 -12.81 -36.35
N SER B 373 2.03 -12.14 -35.21
CA SER B 373 1.36 -12.66 -34.02
C SER B 373 -0.05 -12.14 -33.85
N PHE B 374 -0.37 -10.96 -34.40
CA PHE B 374 -1.70 -10.41 -34.26
C PHE B 374 -2.71 -11.21 -35.08
N SER B 375 -3.98 -11.07 -34.72
CA SER B 375 -5.05 -11.65 -35.50
C SER B 375 -6.10 -10.63 -35.92
N THR B 376 -6.00 -9.39 -35.47
CA THR B 376 -6.91 -8.34 -35.92
C THR B 376 -6.18 -7.01 -35.84
N PHE B 377 -5.68 -6.53 -36.97
CA PHE B 377 -5.06 -5.21 -37.07
C PHE B 377 -5.90 -4.38 -38.01
N LYS B 378 -6.59 -3.37 -37.46
CA LYS B 378 -7.51 -2.59 -38.26
C LYS B 378 -7.22 -1.11 -38.04
N CYS B 379 -7.38 -0.31 -39.09
CA CYS B 379 -7.20 1.12 -38.98
C CYS B 379 -8.29 1.82 -39.78
N TYR B 380 -8.93 2.82 -39.16
CA TYR B 380 -10.10 3.48 -39.73
C TYR B 380 -9.75 4.82 -40.38
N GLY B 381 -9.19 5.74 -39.60
CA GLY B 381 -8.89 7.06 -40.13
C GLY B 381 -7.86 7.03 -41.24
N VAL B 382 -6.78 6.30 -41.04
CA VAL B 382 -5.67 6.26 -41.99
C VAL B 382 -5.28 4.80 -42.24
N SER B 383 -5.16 4.44 -43.51
CA SER B 383 -4.81 3.07 -43.86
C SER B 383 -3.38 2.76 -43.39
N PRO B 384 -3.09 1.54 -42.97
CA PRO B 384 -1.79 1.26 -42.33
C PRO B 384 -0.58 1.60 -43.19
N THR B 385 -0.69 1.46 -44.50
CA THR B 385 0.50 1.61 -45.34
C THR B 385 0.98 3.04 -45.48
N LYS B 386 0.47 4.05 -44.76
CA LYS B 386 0.98 5.41 -44.92
C LYS B 386 1.09 6.10 -43.57
N LEU B 387 1.34 5.33 -42.50
CA LEU B 387 1.55 5.91 -41.19
C LEU B 387 2.95 6.48 -40.98
N ASN B 388 3.85 6.28 -41.94
CA ASN B 388 5.23 6.73 -41.75
C ASN B 388 5.42 8.20 -42.05
N ASP B 389 4.39 8.92 -42.50
CA ASP B 389 4.52 10.34 -42.81
C ASP B 389 3.30 11.13 -42.33
N LEU B 390 2.81 10.82 -41.14
CA LEU B 390 1.74 11.60 -40.51
C LEU B 390 2.16 11.96 -39.10
N CYS B 391 2.32 13.26 -38.83
CA CYS B 391 2.82 13.72 -37.55
C CYS B 391 1.64 14.16 -36.70
N PHE B 392 1.47 13.53 -35.53
CA PHE B 392 0.38 13.82 -34.62
C PHE B 392 0.88 14.64 -33.46
N THR B 393 0.01 15.50 -32.93
CA THR B 393 0.33 16.23 -31.71
C THR B 393 0.48 15.29 -30.53
N ASN B 394 -0.37 14.27 -30.46
CA ASN B 394 -0.36 13.37 -29.31
C ASN B 394 -0.95 12.03 -29.72
N VAL B 395 -0.70 11.01 -28.92
CA VAL B 395 -1.22 9.68 -29.17
C VAL B 395 -1.45 8.97 -27.83
N TYR B 396 -2.55 8.22 -27.77
CA TYR B 396 -2.95 7.50 -26.58
C TYR B 396 -3.09 6.02 -26.90
N ALA B 397 -2.72 5.17 -25.95
CA ALA B 397 -2.90 3.73 -26.07
C ALA B 397 -3.83 3.27 -24.96
N ASP B 398 -4.95 2.70 -25.35
CA ASP B 398 -5.85 2.01 -24.43
C ASP B 398 -5.52 0.53 -24.46
N SER B 399 -5.57 -0.10 -23.31
CA SER B 399 -5.22 -1.52 -23.25
C SER B 399 -6.16 -2.24 -22.30
N PHE B 400 -6.65 -3.40 -22.73
CA PHE B 400 -7.52 -4.21 -21.88
C PHE B 400 -7.62 -5.62 -22.45
N VAL B 401 -8.44 -6.44 -21.80
CA VAL B 401 -8.61 -7.86 -22.13
C VAL B 401 -10.09 -8.15 -22.23
N ILE B 402 -10.51 -8.75 -23.34
CA ILE B 402 -11.93 -8.99 -23.61
C ILE B 402 -12.13 -10.45 -24.01
N ARG B 403 -13.40 -10.83 -24.12
CA ARG B 403 -13.73 -12.18 -24.54
C ARG B 403 -13.41 -12.35 -26.02
N GLY B 404 -13.26 -13.61 -26.43
CA GLY B 404 -12.92 -13.89 -27.82
C GLY B 404 -14.04 -13.53 -28.78
N ASP B 405 -15.28 -13.87 -28.43
CA ASP B 405 -16.41 -13.55 -29.27
C ASP B 405 -16.58 -12.05 -29.45
N GLU B 406 -16.54 -11.31 -28.34
CA GLU B 406 -17.05 -9.95 -28.35
C GLU B 406 -16.07 -8.95 -28.95
N VAL B 407 -14.94 -9.41 -29.49
CA VAL B 407 -14.01 -8.50 -30.14
C VAL B 407 -14.67 -7.77 -31.30
N ARG B 408 -15.81 -8.27 -31.76
CA ARG B 408 -16.58 -7.62 -32.82
C ARG B 408 -17.49 -6.52 -32.30
N GLN B 409 -17.19 -5.95 -31.13
CA GLN B 409 -17.93 -4.80 -30.64
C GLN B 409 -17.03 -3.59 -30.42
N ILE B 410 -15.78 -3.62 -30.86
CA ILE B 410 -14.89 -2.48 -30.76
C ILE B 410 -14.81 -1.88 -32.16
N ALA B 411 -15.57 -0.82 -32.38
CA ALA B 411 -15.67 -0.13 -33.66
C ALA B 411 -16.47 1.15 -33.44
N PRO B 412 -16.32 2.16 -34.31
CA PRO B 412 -17.14 3.36 -34.17
C PRO B 412 -18.63 3.05 -34.07
N GLY B 413 -19.17 2.39 -35.08
CA GLY B 413 -20.53 1.91 -35.00
C GLY B 413 -20.57 0.59 -34.28
N GLN B 414 -21.37 -0.34 -34.79
CA GLN B 414 -21.43 -1.71 -34.25
C GLN B 414 -21.62 -1.72 -32.74
N THR B 415 -22.61 -0.97 -32.26
CA THR B 415 -22.89 -0.96 -30.83
C THR B 415 -23.37 -2.34 -30.39
N GLY B 416 -23.58 -2.49 -29.09
CA GLY B 416 -23.84 -3.78 -28.51
C GLY B 416 -23.91 -3.67 -27.00
N LYS B 417 -23.19 -4.54 -26.28
CA LYS B 417 -23.18 -4.47 -24.82
C LYS B 417 -21.88 -3.91 -24.29
N ILE B 418 -20.74 -4.52 -24.62
CA ILE B 418 -19.47 -4.08 -24.05
C ILE B 418 -19.13 -2.68 -24.51
N ALA B 419 -19.32 -2.38 -25.79
CA ALA B 419 -19.13 -1.01 -26.24
C ALA B 419 -20.18 -0.06 -25.67
N ASP B 420 -21.24 -0.59 -25.07
CA ASP B 420 -22.32 0.22 -24.54
C ASP B 420 -22.16 0.51 -23.05
N TYR B 421 -21.44 -0.32 -22.32
CA TYR B 421 -21.30 -0.17 -20.87
C TYR B 421 -19.87 0.02 -20.39
N ASN B 422 -18.87 -0.36 -21.16
CA ASN B 422 -17.49 -0.38 -20.67
C ASN B 422 -16.56 0.53 -21.44
N TYR B 423 -16.59 0.48 -22.77
CA TYR B 423 -15.65 1.25 -23.57
C TYR B 423 -16.33 1.57 -24.90
N LYS B 424 -16.70 2.83 -25.11
CA LYS B 424 -17.37 3.26 -26.33
C LYS B 424 -16.43 4.11 -27.16
N LEU B 425 -16.36 3.83 -28.46
CA LEU B 425 -15.47 4.55 -29.35
C LEU B 425 -16.16 5.78 -29.91
N PRO B 426 -15.45 6.89 -30.09
CA PRO B 426 -16.06 8.06 -30.73
C PRO B 426 -16.34 7.78 -32.19
N ASP B 427 -17.40 8.42 -32.71
CA ASP B 427 -17.85 8.10 -34.05
C ASP B 427 -16.88 8.57 -35.12
N ASP B 428 -16.23 9.72 -34.91
CA ASP B 428 -15.24 10.22 -35.87
C ASP B 428 -13.82 9.77 -35.52
N PHE B 429 -13.65 8.46 -35.33
CA PHE B 429 -12.40 7.93 -34.83
C PHE B 429 -11.31 8.00 -35.89
N THR B 430 -10.09 8.35 -35.45
CA THR B 430 -8.89 8.35 -36.30
C THR B 430 -7.84 7.56 -35.55
N GLY B 431 -7.86 6.24 -35.70
CA GLY B 431 -6.95 5.40 -34.96
C GLY B 431 -7.01 3.97 -35.43
N CYS B 432 -6.41 3.09 -34.64
CA CYS B 432 -6.30 1.69 -34.99
C CYS B 432 -6.64 0.81 -33.80
N VAL B 433 -7.02 -0.43 -34.09
CA VAL B 433 -7.30 -1.43 -33.07
C VAL B 433 -6.45 -2.65 -33.38
N ILE B 434 -5.79 -3.19 -32.35
CA ILE B 434 -4.93 -4.36 -32.47
C ILE B 434 -5.38 -5.37 -31.44
N ALA B 435 -5.86 -6.51 -31.90
CA ALA B 435 -6.36 -7.56 -31.02
C ALA B 435 -5.68 -8.87 -31.36
N TRP B 436 -5.17 -9.57 -30.35
CA TRP B 436 -4.53 -10.85 -30.59
C TRP B 436 -4.83 -11.81 -29.46
N ASN B 437 -4.83 -13.10 -29.80
CA ASN B 437 -5.16 -14.15 -28.85
C ASN B 437 -4.02 -14.36 -27.86
N SER B 438 -4.39 -14.64 -26.62
CA SER B 438 -3.44 -14.93 -25.56
C SER B 438 -3.92 -16.12 -24.74
N ASN B 439 -4.29 -17.20 -25.44
CA ASN B 439 -4.84 -18.37 -24.78
C ASN B 439 -3.95 -18.90 -23.66
N ASN B 440 -2.64 -18.93 -23.90
CA ASN B 440 -1.75 -19.56 -22.93
C ASN B 440 -1.57 -18.71 -21.67
N LEU B 441 -1.36 -17.41 -21.84
CA LEU B 441 -0.97 -16.57 -20.70
C LEU B 441 -2.14 -16.28 -19.77
N ASP B 442 -3.16 -15.59 -20.28
CA ASP B 442 -4.18 -14.99 -19.43
C ASP B 442 -5.24 -15.96 -18.95
N SER B 443 -5.02 -17.27 -19.06
CA SER B 443 -5.99 -18.25 -18.59
C SER B 443 -5.29 -19.23 -17.66
N LYS B 444 -5.84 -19.41 -16.47
CA LYS B 444 -5.29 -20.35 -15.50
C LYS B 444 -5.94 -21.72 -15.69
N VAL B 445 -5.60 -22.65 -14.80
CA VAL B 445 -6.02 -24.04 -14.98
C VAL B 445 -7.33 -24.33 -14.25
N GLY B 446 -7.51 -23.78 -13.04
CA GLY B 446 -8.70 -24.08 -12.27
C GLY B 446 -9.81 -23.05 -12.39
N GLY B 447 -9.49 -21.91 -12.98
CA GLY B 447 -10.46 -20.84 -13.10
C GLY B 447 -9.93 -19.53 -12.53
N ASN B 448 -9.91 -18.50 -13.36
CA ASN B 448 -9.34 -17.21 -12.98
C ASN B 448 -10.41 -16.30 -12.37
N TYR B 449 -9.95 -15.26 -11.68
CA TYR B 449 -10.85 -14.31 -11.05
C TYR B 449 -10.43 -12.87 -11.26
N ASN B 450 -9.20 -12.60 -11.70
CA ASN B 450 -8.69 -11.24 -11.78
C ASN B 450 -9.39 -10.38 -12.82
N TYR B 451 -10.21 -10.97 -13.69
CA TYR B 451 -10.83 -10.25 -14.79
C TYR B 451 -12.33 -10.16 -14.57
N LEU B 452 -12.85 -8.94 -14.57
CA LEU B 452 -14.26 -8.66 -14.34
C LEU B 452 -14.76 -7.69 -15.40
N TYR B 453 -16.06 -7.75 -15.68
CA TYR B 453 -16.66 -6.89 -16.68
C TYR B 453 -17.98 -6.36 -16.16
N ARG B 454 -18.31 -5.13 -16.56
CA ARG B 454 -19.44 -4.41 -15.98
C ARG B 454 -20.75 -4.89 -16.59
N LEU B 455 -21.82 -4.64 -15.84
CA LEU B 455 -23.18 -5.00 -16.21
C LEU B 455 -24.10 -4.10 -15.40
N PHE B 456 -25.34 -3.95 -15.87
CA PHE B 456 -26.38 -3.28 -15.09
C PHE B 456 -25.98 -1.84 -14.75
N ARG B 457 -25.91 -1.00 -15.78
CA ARG B 457 -25.66 0.41 -15.56
C ARG B 457 -26.97 1.20 -15.73
N LYS B 458 -26.93 2.47 -15.28
CA LYS B 458 -28.12 3.31 -15.35
C LYS B 458 -28.39 3.78 -16.77
N SER B 459 -27.35 4.17 -17.49
CA SER B 459 -27.52 4.68 -18.85
C SER B 459 -26.28 4.36 -19.64
N ASN B 460 -26.44 4.35 -20.97
CA ASN B 460 -25.33 4.04 -21.85
C ASN B 460 -24.21 5.06 -21.71
N LEU B 461 -22.98 4.60 -21.90
CA LEU B 461 -21.82 5.45 -21.72
C LEU B 461 -21.77 6.53 -22.80
N LYS B 462 -20.85 7.46 -22.63
CA LYS B 462 -20.45 8.43 -23.61
C LYS B 462 -19.00 8.21 -23.99
N PRO B 463 -18.57 8.63 -25.19
CA PRO B 463 -17.21 8.36 -25.64
C PRO B 463 -16.12 8.59 -24.60
N PHE B 464 -15.36 7.53 -24.30
CA PHE B 464 -14.14 7.54 -23.51
C PHE B 464 -14.35 7.83 -22.03
N GLU B 465 -15.57 7.74 -21.52
CA GLU B 465 -15.77 7.96 -20.09
C GLU B 465 -15.43 6.69 -19.33
N ARG B 466 -14.65 6.83 -18.27
CA ARG B 466 -14.18 5.72 -17.46
C ARG B 466 -14.90 5.75 -16.12
N ASP B 467 -15.60 4.65 -15.81
CA ASP B 467 -16.40 4.56 -14.58
C ASP B 467 -15.91 3.36 -13.78
N ILE B 468 -14.90 3.57 -12.94
CA ILE B 468 -14.37 2.50 -12.11
C ILE B 468 -15.12 2.35 -10.79
N SER B 469 -16.03 3.27 -10.48
CA SER B 469 -16.71 3.25 -9.20
C SER B 469 -17.70 2.10 -9.14
N THR B 470 -17.75 1.43 -7.99
CA THR B 470 -18.67 0.34 -7.75
C THR B 470 -19.71 0.79 -6.74
N GLU B 471 -20.98 0.71 -7.11
CA GLU B 471 -22.08 1.01 -6.21
C GLU B 471 -23.18 0.00 -6.49
N ILE B 472 -23.85 -0.45 -5.42
CA ILE B 472 -24.84 -1.50 -5.58
C ILE B 472 -26.01 -0.98 -6.40
N TYR B 473 -26.32 -1.69 -7.49
CA TYR B 473 -27.20 -1.18 -8.53
C TYR B 473 -28.55 -1.88 -8.51
N GLN B 474 -29.58 -1.04 -8.66
CA GLN B 474 -30.97 -1.52 -8.46
C GLN B 474 -31.64 -2.09 -9.71
N ALA B 475 -32.55 -3.02 -9.49
CA ALA B 475 -33.36 -3.66 -10.56
C ALA B 475 -34.85 -3.51 -10.25
N GLY B 476 -35.47 -2.41 -10.69
CA GLY B 476 -36.91 -2.19 -10.44
C GLY B 476 -37.15 -0.95 -9.59
N SER B 477 -38.32 -0.88 -8.92
CA SER B 477 -38.60 0.26 -8.01
C SER B 477 -38.43 -0.21 -6.56
N THR B 478 -37.18 -0.20 -6.06
CA THR B 478 -36.92 -0.73 -4.69
C THR B 478 -35.88 0.13 -3.98
N PRO B 479 -36.12 0.54 -2.71
CA PRO B 479 -35.14 1.28 -1.93
C PRO B 479 -33.87 0.45 -1.74
N CYS B 480 -32.73 1.05 -2.06
CA CYS B 480 -31.45 0.34 -2.10
C CYS B 480 -30.72 0.54 -0.76
N ASN B 481 -30.98 -0.35 0.18
CA ASN B 481 -30.40 -0.24 1.53
C ASN B 481 -29.10 -1.01 1.67
N GLY B 482 -28.20 -0.86 0.68
CA GLY B 482 -26.96 -1.66 0.69
C GLY B 482 -27.31 -3.13 0.56
N VAL B 483 -28.60 -3.45 0.44
CA VAL B 483 -29.05 -4.87 0.34
C VAL B 483 -29.07 -5.27 -1.14
N GLU B 484 -28.59 -6.48 -1.46
CA GLU B 484 -28.53 -6.94 -2.88
C GLU B 484 -29.48 -8.13 -3.08
N GLY B 485 -30.49 -8.27 -2.21
CA GLY B 485 -31.39 -9.43 -2.29
C GLY B 485 -32.52 -9.22 -3.29
N PHE B 486 -32.24 -9.42 -4.57
CA PHE B 486 -33.29 -9.27 -5.62
C PHE B 486 -33.71 -7.80 -5.71
N ASN B 487 -33.13 -6.95 -4.87
CA ASN B 487 -33.49 -5.50 -4.85
C ASN B 487 -32.44 -4.72 -5.63
N CYS B 488 -31.15 -4.99 -5.38
CA CYS B 488 -30.06 -4.24 -6.07
C CYS B 488 -28.88 -5.18 -6.29
N TYR B 489 -28.70 -5.67 -7.53
CA TYR B 489 -27.62 -6.61 -7.83
C TYR B 489 -26.29 -5.89 -7.96
N PHE B 490 -25.23 -6.56 -7.55
CA PHE B 490 -23.89 -6.02 -7.71
C PHE B 490 -23.52 -6.05 -9.19
N PRO B 491 -23.10 -4.93 -9.78
CA PRO B 491 -22.88 -4.88 -11.22
C PRO B 491 -21.85 -5.87 -11.77
N LEU B 492 -20.61 -5.79 -11.29
CA LEU B 492 -19.50 -6.49 -11.96
C LEU B 492 -19.69 -7.99 -11.94
N GLN B 493 -19.41 -8.64 -13.07
CA GLN B 493 -19.48 -10.08 -13.21
C GLN B 493 -18.10 -10.62 -13.59
N SER B 494 -17.82 -11.86 -13.16
CA SER B 494 -16.50 -12.44 -13.26
C SER B 494 -16.41 -13.36 -14.47
N TYR B 495 -15.39 -13.14 -15.31
CA TYR B 495 -15.05 -14.07 -16.37
C TYR B 495 -14.54 -15.39 -15.79
N GLY B 496 -14.88 -16.49 -16.47
CA GLY B 496 -14.36 -17.78 -16.09
C GLY B 496 -12.99 -18.03 -16.69
N PHE B 497 -12.89 -17.92 -18.01
CA PHE B 497 -11.63 -18.06 -18.74
C PHE B 497 -10.98 -19.41 -18.49
N GLN B 498 -11.77 -20.47 -18.54
CA GLN B 498 -11.22 -21.81 -18.43
C GLN B 498 -10.31 -22.08 -19.64
N PRO B 499 -9.25 -22.89 -19.47
CA PRO B 499 -8.32 -23.13 -20.56
C PRO B 499 -8.77 -24.15 -21.59
N THR B 500 -9.95 -24.74 -21.42
CA THR B 500 -10.42 -25.79 -22.33
C THR B 500 -11.67 -25.42 -23.11
N ASN B 501 -12.10 -24.16 -23.11
CA ASN B 501 -13.26 -23.76 -23.89
C ASN B 501 -12.89 -23.65 -25.37
N GLY B 502 -13.90 -23.44 -26.19
CA GLY B 502 -13.67 -23.23 -27.60
C GLY B 502 -13.00 -21.90 -27.87
N VAL B 503 -12.61 -21.71 -29.13
CA VAL B 503 -11.91 -20.50 -29.54
C VAL B 503 -12.74 -19.25 -29.35
N GLY B 504 -14.07 -19.40 -29.20
CA GLY B 504 -14.92 -18.25 -29.03
C GLY B 504 -14.88 -17.62 -27.64
N TYR B 505 -14.24 -18.28 -26.68
CA TYR B 505 -14.29 -17.83 -25.30
C TYR B 505 -12.93 -17.52 -24.67
N GLN B 506 -11.82 -17.98 -25.25
CA GLN B 506 -10.54 -17.67 -24.66
C GLN B 506 -10.24 -16.18 -24.76
N PRO B 507 -9.47 -15.64 -23.82
CA PRO B 507 -9.27 -14.18 -23.77
C PRO B 507 -8.50 -13.67 -24.97
N TYR B 508 -8.82 -12.44 -25.36
CA TYR B 508 -8.09 -11.74 -26.40
C TYR B 508 -7.63 -10.41 -25.84
N ARG B 509 -6.35 -10.10 -26.04
CA ARG B 509 -5.80 -8.84 -25.58
C ARG B 509 -5.98 -7.79 -26.66
N VAL B 510 -6.40 -6.59 -26.25
CA VAL B 510 -6.77 -5.53 -27.17
C VAL B 510 -6.01 -4.27 -26.78
N VAL B 511 -5.42 -3.62 -27.77
CA VAL B 511 -4.77 -2.32 -27.62
C VAL B 511 -5.31 -1.41 -28.72
N VAL B 512 -5.86 -0.27 -28.31
CA VAL B 512 -6.48 0.68 -29.22
C VAL B 512 -5.63 1.94 -29.24
N LEU B 513 -5.11 2.29 -30.40
CA LEU B 513 -4.32 3.49 -30.58
C LEU B 513 -5.22 4.61 -31.09
N SER B 514 -5.16 5.76 -30.42
CA SER B 514 -5.91 6.94 -30.83
C SER B 514 -4.94 8.09 -31.09
N PHE B 515 -5.04 8.69 -32.27
CA PHE B 515 -4.16 9.77 -32.69
C PHE B 515 -4.87 11.10 -32.53
N GLU B 516 -4.11 12.15 -32.21
CA GLU B 516 -4.67 13.48 -32.01
C GLU B 516 -3.76 14.52 -32.65
N LEU B 517 -4.36 15.43 -33.41
CA LEU B 517 -3.63 16.47 -34.11
C LEU B 517 -4.07 17.84 -33.61
N LEU B 518 -4.14 17.99 -32.29
CA LEU B 518 -4.56 19.24 -31.69
C LEU B 518 -3.55 20.35 -32.02
N HIS B 519 -4.00 21.59 -31.89
CA HIS B 519 -3.20 22.75 -32.26
C HIS B 519 -2.02 22.89 -31.31
N ALA B 520 -0.85 22.42 -31.74
CA ALA B 520 0.40 22.45 -30.99
C ALA B 520 1.51 21.95 -31.91
N PRO B 521 2.78 22.22 -31.61
CA PRO B 521 3.85 21.73 -32.47
C PRO B 521 3.85 20.20 -32.53
N ALA B 522 4.10 19.65 -33.73
CA ALA B 522 4.14 18.17 -33.88
C ALA B 522 5.12 17.57 -32.86
N THR B 523 4.62 16.68 -32.00
CA THR B 523 5.48 16.10 -30.93
C THR B 523 6.12 14.79 -31.42
N VAL B 524 5.43 14.04 -32.28
CA VAL B 524 5.95 12.72 -32.73
C VAL B 524 5.88 12.62 -34.25
N CYS B 525 6.86 11.98 -34.87
CA CYS B 525 6.88 11.79 -36.35
C CYS B 525 7.64 10.52 -36.70
N GLY B 526 7.06 9.64 -37.52
CA GLY B 526 7.83 8.46 -37.97
C GLY B 526 9.05 8.94 -38.73
N PRO B 527 10.13 8.13 -38.90
CA PRO B 527 11.35 8.62 -39.53
C PRO B 527 11.17 9.06 -40.98
N GLN C 1 12.32 10.83 0.26
CA GLN C 1 12.74 9.46 0.55
C GLN C 1 11.57 8.50 0.40
N VAL C 2 11.86 7.26 0.03
CA VAL C 2 10.81 6.27 -0.21
C VAL C 2 10.09 5.97 1.10
N GLN C 3 8.76 6.01 1.05
CA GLN C 3 7.93 5.72 2.21
C GLN C 3 6.80 4.79 1.79
N LEU C 4 6.46 3.86 2.69
CA LEU C 4 5.40 2.88 2.48
C LEU C 4 4.57 2.84 3.75
N LEU C 5 3.42 3.51 3.75
CA LEU C 5 2.60 3.63 4.95
C LEU C 5 1.32 2.82 4.79
N GLU C 6 1.05 1.95 5.75
CA GLU C 6 -0.13 1.09 5.70
C GLU C 6 -1.07 1.44 6.85
N SER C 7 -2.36 1.19 6.62
CA SER C 7 -3.39 1.51 7.61
C SER C 7 -4.57 0.58 7.42
N GLY C 8 -5.28 0.32 8.52
CA GLY C 8 -6.47 -0.51 8.47
C GLY C 8 -6.61 -1.47 9.63
N GLY C 9 -5.64 -1.48 10.53
CA GLY C 9 -5.66 -2.42 11.61
C GLY C 9 -6.71 -2.10 12.66
N GLY C 10 -7.03 -3.11 13.46
CA GLY C 10 -8.00 -2.96 14.52
C GLY C 10 -8.75 -4.26 14.75
N LEU C 11 -9.26 -4.41 15.97
CA LEU C 11 -9.98 -5.62 16.35
C LEU C 11 -11.24 -5.78 15.49
N VAL C 12 -11.45 -7.00 15.01
CA VAL C 12 -12.58 -7.31 14.13
C VAL C 12 -13.10 -8.71 14.48
N GLN C 13 -14.39 -8.83 14.72
CA GLN C 13 -14.97 -10.12 15.05
C GLN C 13 -14.90 -11.06 13.85
N PRO C 14 -14.90 -12.37 14.08
CA PRO C 14 -14.82 -13.31 12.96
C PRO C 14 -16.08 -13.28 12.12
N GLY C 15 -15.88 -13.31 10.80
CA GLY C 15 -17.00 -13.26 9.88
C GLY C 15 -17.37 -11.85 9.50
N ARG C 16 -16.39 -11.05 9.12
CA ARG C 16 -16.58 -9.65 8.76
C ARG C 16 -15.59 -9.32 7.66
N SER C 17 -15.36 -8.03 7.43
CA SER C 17 -14.49 -7.59 6.36
C SER C 17 -13.54 -6.51 6.87
N LEU C 18 -12.46 -6.32 6.14
CA LEU C 18 -11.52 -5.24 6.39
C LEU C 18 -10.94 -4.80 5.06
N ARG C 19 -10.33 -3.61 5.07
CA ARG C 19 -9.78 -3.02 3.84
C ARG C 19 -8.47 -2.35 4.21
N LEU C 20 -7.37 -3.07 4.04
CA LEU C 20 -6.05 -2.50 4.34
C LEU C 20 -5.59 -1.65 3.16
N SER C 21 -4.88 -0.57 3.46
CA SER C 21 -4.40 0.33 2.42
C SER C 21 -2.92 0.62 2.62
N CYS C 22 -2.16 0.54 1.53
CA CYS C 22 -0.74 0.85 1.54
C CYS C 22 -0.49 1.96 0.53
N ALA C 23 0.13 3.06 0.99
CA ALA C 23 0.40 4.22 0.17
C ALA C 23 1.91 4.38 0.02
N ALA C 24 2.35 4.60 -1.21
CA ALA C 24 3.76 4.71 -1.53
C ALA C 24 4.09 6.15 -1.92
N SER C 25 5.27 6.61 -1.50
CA SER C 25 5.66 7.99 -1.76
C SER C 25 7.16 8.08 -1.95
N GLY C 26 7.60 8.42 -3.15
CA GLY C 26 9.00 8.66 -3.39
C GLY C 26 9.60 7.96 -4.60
N PHE C 27 8.77 7.39 -5.47
CA PHE C 27 9.26 6.73 -6.66
C PHE C 27 8.12 6.61 -7.66
N THR C 28 8.45 6.16 -8.88
CA THR C 28 7.36 5.89 -9.87
C THR C 28 6.52 4.74 -9.32
N PHE C 29 5.36 5.04 -8.72
CA PHE C 29 4.52 3.99 -8.07
C PHE C 29 4.16 2.89 -9.06
N ASP C 30 3.91 3.21 -10.33
CA ASP C 30 3.46 2.21 -11.32
C ASP C 30 4.64 1.46 -11.93
N ASP C 31 5.87 1.72 -11.46
CA ASP C 31 7.07 1.08 -12.07
C ASP C 31 7.65 0.02 -11.14
N TYR C 32 6.81 -0.56 -10.27
CA TYR C 32 7.28 -1.63 -9.35
C TYR C 32 6.13 -2.60 -9.06
N ALA C 33 6.42 -3.89 -8.94
CA ALA C 33 5.39 -4.85 -8.59
C ALA C 33 5.30 -4.96 -7.07
N MET C 34 4.16 -4.55 -6.51
CA MET C 34 3.99 -4.56 -5.07
C MET C 34 3.65 -5.96 -4.57
N HIS C 35 3.87 -6.19 -3.27
CA HIS C 35 3.48 -7.43 -2.64
C HIS C 35 2.94 -7.15 -1.24
N TRP C 36 2.02 -8.00 -0.79
CA TRP C 36 1.51 -7.98 0.58
C TRP C 36 1.92 -9.28 1.26
N VAL C 37 2.65 -9.16 2.36
CA VAL C 37 3.22 -10.30 3.07
C VAL C 37 2.80 -10.24 4.52
N ARG C 38 2.19 -11.33 5.01
CA ARG C 38 1.79 -11.40 6.40
C ARG C 38 2.98 -11.74 7.27
N GLN C 39 2.77 -11.74 8.58
CA GLN C 39 3.80 -12.16 9.53
C GLN C 39 3.08 -12.59 10.79
N ALA C 40 3.02 -13.90 11.03
CA ALA C 40 2.29 -14.43 12.16
C ALA C 40 2.95 -13.97 13.46
N PRO C 41 2.20 -13.94 14.56
CA PRO C 41 2.79 -13.48 15.84
C PRO C 41 3.79 -14.48 16.40
N GLY C 42 5.06 -14.09 16.43
CA GLY C 42 6.11 -14.97 16.89
C GLY C 42 6.33 -16.18 16.00
N LYS C 43 6.33 -15.98 14.68
CA LYS C 43 6.52 -17.06 13.72
C LYS C 43 7.20 -16.49 12.49
N GLY C 44 7.36 -17.35 11.48
CA GLY C 44 8.01 -16.94 10.26
C GLY C 44 7.08 -16.20 9.31
N LEU C 45 7.68 -15.59 8.29
CA LEU C 45 6.91 -14.84 7.32
C LEU C 45 6.07 -15.78 6.46
N GLU C 46 5.22 -15.18 5.63
CA GLU C 46 4.34 -15.95 4.76
C GLU C 46 3.83 -15.02 3.67
N TRP C 47 4.08 -15.37 2.42
CA TRP C 47 3.59 -14.58 1.30
C TRP C 47 2.08 -14.68 1.21
N VAL C 48 1.43 -13.55 0.91
CA VAL C 48 -0.02 -13.46 0.87
C VAL C 48 -0.52 -13.14 -0.53
N SER C 49 -0.05 -12.03 -1.11
CA SER C 49 -0.51 -11.68 -2.45
C SER C 49 0.48 -10.70 -3.08
N GLY C 50 0.20 -10.34 -4.32
CA GLY C 50 1.05 -9.39 -5.03
C GLY C 50 0.30 -8.79 -6.19
N VAL C 51 0.98 -7.86 -6.88
CA VAL C 51 0.42 -7.21 -8.05
C VAL C 51 1.56 -6.69 -8.90
N SER C 52 1.47 -6.91 -10.21
CA SER C 52 2.51 -6.56 -11.15
C SER C 52 2.41 -5.08 -11.52
N TRP C 53 3.22 -4.66 -12.50
CA TRP C 53 3.27 -3.22 -12.88
C TRP C 53 1.99 -2.76 -13.59
N ASN C 54 1.28 -3.68 -14.23
CA ASN C 54 0.10 -3.31 -15.01
C ASN C 54 -1.19 -3.75 -14.33
N SER C 55 -1.23 -3.68 -13.01
CA SER C 55 -2.43 -3.94 -12.22
C SER C 55 -2.96 -5.36 -12.41
N GLY C 56 -2.08 -6.28 -12.79
CA GLY C 56 -2.48 -7.66 -12.97
C GLY C 56 -2.01 -8.55 -11.84
N THR C 57 -2.94 -9.08 -11.05
CA THR C 57 -2.59 -9.85 -9.87
C THR C 57 -1.85 -11.13 -10.25
N ILE C 58 -1.06 -11.62 -9.29
CA ILE C 58 -0.17 -12.76 -9.54
C ILE C 58 -0.52 -13.93 -8.62
N GLY C 59 -1.78 -14.04 -8.25
CA GLY C 59 -2.19 -15.20 -7.47
C GLY C 59 -1.99 -14.99 -5.98
N TYR C 60 -2.75 -15.75 -5.20
CA TYR C 60 -2.71 -15.65 -3.75
C TYR C 60 -2.16 -16.94 -3.16
N ALA C 61 -1.94 -16.92 -1.85
CA ALA C 61 -1.42 -18.08 -1.16
C ALA C 61 -2.43 -19.22 -1.21
N ASP C 62 -1.92 -20.45 -1.07
CA ASP C 62 -2.76 -21.63 -1.25
C ASP C 62 -3.85 -21.72 -0.19
N SER C 63 -3.52 -21.40 1.06
CA SER C 63 -4.48 -21.56 2.14
C SER C 63 -5.43 -20.39 2.28
N VAL C 64 -5.17 -19.27 1.61
CA VAL C 64 -6.02 -18.09 1.71
C VAL C 64 -6.91 -17.91 0.49
N LYS C 65 -6.65 -18.64 -0.60
CA LYS C 65 -7.39 -18.45 -1.83
C LYS C 65 -8.88 -18.63 -1.62
N GLY C 66 -9.65 -17.66 -2.10
CA GLY C 66 -11.10 -17.72 -1.97
C GLY C 66 -11.71 -16.48 -1.37
N ARG C 67 -10.96 -15.77 -0.53
CA ARG C 67 -11.51 -14.60 0.15
C ARG C 67 -10.77 -13.31 -0.15
N PHE C 68 -9.44 -13.30 -0.06
CA PHE C 68 -8.71 -12.05 -0.21
C PHE C 68 -8.89 -11.49 -1.61
N THR C 69 -8.79 -10.16 -1.73
CA THR C 69 -8.97 -9.51 -3.03
C THR C 69 -8.07 -8.28 -3.08
N ILE C 70 -7.07 -8.31 -3.94
CA ILE C 70 -6.12 -7.21 -4.05
C ILE C 70 -6.57 -6.28 -5.17
N SER C 71 -6.18 -5.01 -5.06
CA SER C 71 -6.49 -4.02 -6.08
C SER C 71 -5.44 -2.92 -6.01
N ARG C 72 -5.21 -2.28 -7.16
CA ARG C 72 -4.14 -1.24 -7.19
C ARG C 72 -4.66 0.01 -7.91
N ASP C 73 -4.05 1.16 -7.63
CA ASP C 73 -4.44 2.43 -8.25
C ASP C 73 -3.18 3.26 -8.45
N ASN C 74 -2.76 3.41 -9.70
CA ASN C 74 -1.56 4.17 -10.02
C ASN C 74 -1.78 5.67 -9.95
N ALA C 75 -3.01 6.13 -10.22
CA ALA C 75 -3.26 7.57 -10.20
C ALA C 75 -3.10 8.14 -8.79
N LYS C 76 -3.59 7.40 -7.79
CA LYS C 76 -3.54 7.88 -6.37
C LYS C 76 -2.44 7.13 -5.59
N ASN C 77 -1.52 6.46 -6.30
CA ASN C 77 -0.40 5.80 -5.67
C ASN C 77 -0.86 5.01 -4.43
N SER C 78 -1.70 4.01 -4.68
CA SER C 78 -2.25 3.26 -3.57
C SER C 78 -2.43 1.81 -3.95
N LEU C 79 -2.46 0.96 -2.92
CA LEU C 79 -2.63 -0.48 -3.09
C LEU C 79 -3.55 -0.96 -1.98
N TYR C 80 -4.71 -1.47 -2.35
CA TYR C 80 -5.74 -1.86 -1.40
C TYR C 80 -5.87 -3.37 -1.35
N LEU C 81 -6.23 -3.88 -0.17
CA LEU C 81 -6.44 -5.31 0.03
C LEU C 81 -7.73 -5.47 0.82
N HIS C 82 -8.77 -5.95 0.15
CA HIS C 82 -10.04 -6.24 0.79
C HIS C 82 -10.02 -7.68 1.30
N MET C 83 -10.47 -7.83 2.54
CA MET C 83 -10.46 -9.16 3.18
C MET C 83 -11.88 -9.47 3.66
N ARG C 84 -12.37 -10.67 3.37
CA ARG C 84 -13.73 -11.07 3.72
C ARG C 84 -13.72 -12.46 4.35
N SER C 85 -14.74 -12.73 5.15
CA SER C 85 -14.95 -14.02 5.79
C SER C 85 -13.71 -14.45 6.58
N LEU C 86 -13.38 -13.64 7.57
CA LEU C 86 -12.21 -13.89 8.40
C LEU C 86 -12.42 -15.12 9.28
N ARG C 87 -11.31 -15.60 9.84
CA ARG C 87 -11.33 -16.60 10.88
C ARG C 87 -10.33 -16.20 11.95
N ALA C 88 -10.28 -16.98 13.03
CA ALA C 88 -9.37 -16.67 14.13
C ALA C 88 -7.90 -16.88 13.77
N GLU C 89 -7.60 -17.47 12.62
CA GLU C 89 -6.23 -17.78 12.23
C GLU C 89 -5.60 -16.72 11.33
N ASP C 90 -6.24 -15.56 11.19
CA ASP C 90 -5.75 -14.51 10.31
C ASP C 90 -5.32 -13.28 11.10
N THR C 91 -4.76 -13.49 12.29
CA THR C 91 -4.20 -12.42 13.09
C THR C 91 -2.69 -12.40 12.94
N ALA C 92 -2.16 -11.27 12.47
CA ALA C 92 -0.76 -11.16 12.12
C ALA C 92 -0.46 -9.72 11.70
N LEU C 93 0.84 -9.40 11.64
CA LEU C 93 1.26 -8.16 11.01
C LEU C 93 1.17 -8.30 9.49
N TYR C 94 1.18 -7.16 8.79
CA TYR C 94 1.06 -7.18 7.34
C TYR C 94 1.94 -6.08 6.76
N TYR C 95 2.98 -6.45 6.03
CA TYR C 95 3.84 -5.49 5.35
C TYR C 95 3.49 -5.42 3.87
N CYS C 96 3.71 -4.24 3.28
CA CYS C 96 3.60 -4.06 1.84
C CYS C 96 4.99 -3.72 1.30
N ALA C 97 5.53 -4.62 0.47
CA ALA C 97 6.89 -4.53 -0.02
C ALA C 97 6.90 -4.22 -1.52
N LYS C 98 8.08 -3.83 -1.99
CA LYS C 98 8.27 -3.37 -3.36
C LYS C 98 9.33 -4.22 -4.04
N ALA C 99 9.17 -4.41 -5.35
CA ALA C 99 10.16 -5.12 -6.13
C ALA C 99 11.38 -4.24 -6.37
N VAL C 100 12.42 -4.81 -6.98
CA VAL C 100 13.70 -4.13 -7.18
C VAL C 100 13.90 -3.74 -8.65
N GLU C 101 13.71 -4.71 -9.56
CA GLU C 101 13.99 -4.46 -11.00
C GLU C 101 12.90 -3.58 -11.63
N MET C 102 13.31 -2.55 -12.36
CA MET C 102 12.32 -1.71 -13.11
C MET C 102 11.91 -2.48 -14.36
N VAL C 103 10.64 -2.39 -14.74
CA VAL C 103 10.15 -3.21 -15.90
C VAL C 103 10.94 -2.85 -17.16
N ARG C 104 11.36 -3.86 -17.93
CA ARG C 104 12.05 -3.61 -19.23
C ARG C 104 13.45 -3.05 -18.93
N GLY C 105 14.20 -3.69 -18.04
CA GLY C 105 15.54 -3.22 -17.79
C GLY C 105 16.55 -4.34 -17.70
N LEU C 106 16.06 -5.58 -17.84
CA LEU C 106 16.89 -6.78 -17.78
C LEU C 106 17.83 -6.78 -16.58
N GLY C 110 14.70 -12.24 -19.42
CA GLY C 110 13.65 -12.80 -20.24
C GLY C 110 12.28 -12.18 -19.99
N ALA C 111 11.59 -12.71 -18.98
CA ALA C 111 10.25 -12.23 -18.64
C ALA C 111 10.35 -10.96 -17.79
N ASP C 112 9.20 -10.55 -17.24
CA ASP C 112 9.18 -9.34 -16.38
C ASP C 112 9.58 -9.73 -14.96
N PRO C 113 10.11 -8.80 -14.14
CA PRO C 113 10.62 -9.11 -12.80
C PRO C 113 9.54 -9.08 -11.73
N GLU C 114 9.69 -9.96 -10.74
CA GLU C 114 8.76 -10.06 -9.62
C GLU C 114 9.43 -10.22 -8.27
N TYR C 115 10.72 -10.49 -8.20
CA TYR C 115 11.41 -10.82 -6.96
C TYR C 115 11.82 -9.56 -6.21
N GLY C 116 12.65 -9.73 -5.19
CA GLY C 116 13.33 -8.61 -4.55
C GLY C 116 12.47 -7.69 -3.72
N MET C 117 11.97 -8.17 -2.59
CA MET C 117 11.15 -7.36 -1.70
C MET C 117 12.09 -6.54 -0.83
N ASP C 118 12.53 -5.39 -1.33
CA ASP C 118 13.63 -4.66 -0.70
C ASP C 118 13.18 -3.67 0.37
N VAL C 119 12.22 -2.79 0.07
CA VAL C 119 11.80 -1.76 1.01
C VAL C 119 10.50 -2.18 1.67
N TRP C 120 10.46 -2.09 2.98
CA TRP C 120 9.34 -2.60 3.77
C TRP C 120 8.83 -1.51 4.70
N GLY C 121 7.53 -1.27 4.67
CA GLY C 121 6.92 -0.42 5.66
C GLY C 121 6.70 -1.16 6.97
N GLN C 122 6.42 -0.38 8.01
CA GLN C 122 6.12 -0.94 9.33
C GLN C 122 4.66 -1.39 9.32
N GLY C 123 4.44 -2.69 9.49
CA GLY C 123 3.12 -3.24 9.28
C GLY C 123 2.15 -2.90 10.39
N THR C 124 0.87 -3.11 10.08
CA THR C 124 -0.20 -2.90 11.05
C THR C 124 -0.33 -4.14 11.94
N THR C 125 -1.38 -4.19 12.75
CA THR C 125 -1.52 -5.23 13.77
C THR C 125 -2.93 -5.80 13.75
N VAL C 126 -3.40 -6.20 12.57
CA VAL C 126 -4.73 -6.80 12.45
C VAL C 126 -4.88 -7.96 13.43
N THR C 127 -6.05 -8.00 14.08
CA THR C 127 -6.36 -9.07 15.01
C THR C 127 -7.84 -9.39 14.93
N VAL C 128 -8.19 -10.61 15.32
CA VAL C 128 -9.59 -11.08 15.30
C VAL C 128 -9.84 -11.86 16.58
N SER C 129 -10.98 -11.60 17.21
CA SER C 129 -11.37 -12.32 18.42
C SER C 129 -12.78 -11.92 18.79
N SER C 130 -13.39 -12.71 19.68
CA SER C 130 -14.72 -12.46 20.21
C SER C 130 -14.65 -12.60 21.73
N ALA C 131 -14.35 -11.50 22.41
CA ALA C 131 -14.26 -11.49 23.86
C ALA C 131 -14.35 -10.06 24.35
N SER C 132 -15.24 -9.83 25.31
CA SER C 132 -15.37 -8.51 25.90
C SER C 132 -14.11 -8.15 26.70
N THR C 133 -13.74 -6.87 26.65
CA THR C 133 -12.55 -6.39 27.33
C THR C 133 -12.63 -6.66 28.83
N LYS C 134 -11.76 -7.52 29.33
CA LYS C 134 -11.76 -7.90 30.74
C LYS C 134 -10.44 -7.47 31.37
N GLY C 135 -10.47 -7.19 32.67
CA GLY C 135 -9.30 -6.75 33.39
C GLY C 135 -8.43 -7.91 33.84
N PRO C 136 -7.18 -7.62 34.16
CA PRO C 136 -6.25 -8.68 34.54
C PRO C 136 -6.51 -9.19 35.95
N SER C 137 -6.10 -10.45 36.18
CA SER C 137 -6.08 -11.04 37.50
C SER C 137 -4.64 -11.31 37.90
N VAL C 138 -4.24 -10.85 39.08
CA VAL C 138 -2.85 -10.89 39.52
C VAL C 138 -2.73 -11.99 40.58
N PHE C 139 -1.71 -12.83 40.42
CA PHE C 139 -1.50 -14.01 41.23
C PHE C 139 -0.08 -13.97 41.78
N PRO C 140 0.13 -14.44 43.00
CA PRO C 140 1.47 -14.46 43.57
C PRO C 140 2.22 -15.76 43.31
N LEU C 141 3.55 -15.64 43.30
CA LEU C 141 4.47 -16.76 43.14
C LEU C 141 5.51 -16.61 44.23
N ALA C 142 5.20 -17.15 45.40
CA ALA C 142 6.07 -17.01 46.55
C ALA C 142 7.34 -17.83 46.36
N PRO C 143 8.43 -17.49 47.06
CA PRO C 143 9.66 -18.27 46.95
C PRO C 143 9.44 -19.71 47.36
N SER C 144 10.16 -20.62 46.69
CA SER C 144 9.98 -22.04 46.93
C SER C 144 10.25 -22.42 48.39
N SER C 145 11.03 -21.60 49.10
CA SER C 145 11.37 -21.85 50.50
C SER C 145 12.00 -23.23 50.67
N LYS C 146 12.87 -23.60 49.72
CA LYS C 146 13.55 -24.92 49.80
C LYS C 146 14.45 -24.96 51.03
N GLY C 150 18.88 -22.29 49.80
CA GLY C 150 18.02 -21.25 49.21
C GLY C 150 18.80 -20.31 48.30
N GLY C 151 20.01 -19.92 48.72
CA GLY C 151 20.85 -19.02 47.90
C GLY C 151 20.02 -17.92 47.27
N THR C 152 20.15 -17.73 45.95
CA THR C 152 19.33 -16.73 45.23
C THR C 152 18.03 -17.40 44.74
N ALA C 153 16.97 -17.34 45.54
CA ALA C 153 15.71 -17.94 45.15
C ALA C 153 14.88 -16.91 44.40
N ALA C 154 14.00 -17.38 43.52
CA ALA C 154 13.23 -16.52 42.65
C ALA C 154 11.77 -16.50 43.06
N LEU C 155 11.14 -15.33 42.91
CA LEU C 155 9.72 -15.16 43.20
C LEU C 155 9.15 -14.21 42.16
N GLY C 156 7.84 -14.31 41.94
CA GLY C 156 7.26 -13.52 40.88
C GLY C 156 5.77 -13.32 41.02
N CYS C 157 5.18 -12.71 39.99
CA CYS C 157 3.73 -12.60 39.93
C CYS C 157 3.24 -12.90 38.52
N LEU C 158 2.07 -13.51 38.44
CA LEU C 158 1.50 -14.03 37.22
C LEU C 158 0.20 -13.31 36.91
N VAL C 159 0.09 -12.76 35.71
CA VAL C 159 -1.12 -12.08 35.26
C VAL C 159 -1.89 -13.02 34.34
N LYS C 160 -3.18 -13.16 34.60
CA LYS C 160 -4.02 -14.12 33.91
C LYS C 160 -5.31 -13.44 33.46
N ASP C 161 -5.85 -13.91 32.33
CA ASP C 161 -7.18 -13.54 31.87
C ASP C 161 -7.29 -12.02 31.68
N TYR C 162 -6.48 -11.51 30.75
CA TYR C 162 -6.56 -10.12 30.35
C TYR C 162 -6.65 -10.05 28.83
N PHE C 163 -7.27 -8.97 28.34
CA PHE C 163 -7.48 -8.77 26.91
C PHE C 163 -7.92 -7.34 26.69
N PRO C 164 -7.32 -6.61 25.74
CA PRO C 164 -6.15 -6.98 24.93
C PRO C 164 -4.83 -6.51 25.50
N GLU C 165 -3.80 -6.54 24.67
CA GLU C 165 -2.45 -6.11 24.96
C GLU C 165 -2.31 -4.61 24.83
N PRO C 166 -1.22 -4.02 25.37
CA PRO C 166 -0.20 -4.60 26.23
C PRO C 166 -0.30 -4.21 27.71
N VAL C 167 0.03 -5.14 28.59
CA VAL C 167 0.17 -4.85 30.00
C VAL C 167 1.65 -4.55 30.28
N THR C 168 1.92 -3.84 31.37
CA THR C 168 3.30 -3.55 31.74
C THR C 168 3.51 -3.85 33.22
N VAL C 169 4.52 -4.67 33.51
CA VAL C 169 4.81 -5.10 34.87
C VAL C 169 6.18 -4.59 35.26
N SER C 170 6.25 -3.94 36.43
CA SER C 170 7.52 -3.53 37.00
C SER C 170 7.62 -4.08 38.42
N TRP C 171 8.78 -3.89 39.04
CA TRP C 171 9.00 -4.39 40.39
C TRP C 171 9.60 -3.31 41.26
N ASN C 172 9.17 -3.27 42.52
CA ASN C 172 9.61 -2.26 43.49
C ASN C 172 9.39 -0.85 42.96
N SER C 173 8.28 -0.64 42.25
CA SER C 173 7.84 0.62 41.68
C SER C 173 8.72 1.07 40.52
N GLY C 174 9.77 0.35 40.17
CA GLY C 174 10.57 0.69 39.01
C GLY C 174 12.07 0.64 39.23
N ALA C 175 12.50 0.69 40.49
CA ALA C 175 13.93 0.74 40.78
C ALA C 175 14.61 -0.59 40.51
N LEU C 176 14.01 -1.69 40.95
CA LEU C 176 14.61 -3.01 40.82
C LEU C 176 14.66 -3.43 39.36
N THR C 177 15.87 -3.55 38.80
CA THR C 177 16.02 -3.83 37.38
C THR C 177 16.98 -4.97 37.12
N SER C 178 17.92 -5.20 38.03
CA SER C 178 18.93 -6.25 37.88
C SER C 178 18.35 -7.56 38.41
N GLY C 179 18.03 -8.48 37.51
CA GLY C 179 17.46 -9.76 37.89
C GLY C 179 16.02 -9.98 37.53
N VAL C 180 15.41 -9.08 36.76
CA VAL C 180 14.02 -9.20 36.35
C VAL C 180 13.93 -10.05 35.11
N HIS C 181 12.80 -10.71 34.93
CA HIS C 181 12.53 -11.47 33.71
C HIS C 181 11.04 -11.44 33.46
N THR C 182 10.65 -11.07 32.23
CA THR C 182 9.25 -11.06 31.83
C THR C 182 9.13 -11.70 30.46
N PHE C 183 8.22 -12.66 30.34
CA PHE C 183 8.06 -13.46 29.13
C PHE C 183 6.90 -12.94 28.29
N PRO C 184 6.95 -13.15 26.98
CA PRO C 184 5.89 -12.65 26.10
C PRO C 184 4.54 -13.27 26.43
N ALA C 185 3.49 -12.56 26.04
CA ALA C 185 2.11 -12.91 26.39
C ALA C 185 1.68 -14.15 25.60
N VAL C 186 1.60 -15.28 26.29
CA VAL C 186 1.05 -16.47 25.66
C VAL C 186 -0.46 -16.34 25.57
N LEU C 187 -1.03 -17.05 24.60
CA LEU C 187 -2.46 -17.03 24.33
C LEU C 187 -3.11 -18.30 24.87
N GLN C 188 -4.37 -18.19 25.25
CA GLN C 188 -5.05 -19.26 25.97
C GLN C 188 -6.24 -19.81 25.17
N SER C 189 -7.01 -20.68 25.82
CA SER C 189 -8.14 -21.32 25.15
C SER C 189 -9.20 -20.31 24.73
N SER C 190 -9.64 -19.47 25.66
CA SER C 190 -10.76 -18.57 25.43
C SER C 190 -10.32 -17.20 24.92
N GLY C 191 -9.09 -17.08 24.44
CA GLY C 191 -8.58 -15.82 23.95
C GLY C 191 -8.07 -14.88 25.02
N LEU C 192 -8.32 -15.16 26.28
CA LEU C 192 -7.82 -14.33 27.37
C LEU C 192 -6.37 -14.67 27.64
N TYR C 193 -5.49 -13.69 27.46
CA TYR C 193 -4.07 -13.96 27.47
C TYR C 193 -3.57 -14.23 28.90
N SER C 194 -2.26 -14.40 29.02
CA SER C 194 -1.63 -14.68 30.30
C SER C 194 -0.13 -14.54 30.13
N LEU C 195 0.53 -14.03 31.16
CA LEU C 195 1.99 -13.99 31.20
C LEU C 195 2.42 -13.87 32.65
N SER C 196 3.72 -13.76 32.87
CA SER C 196 4.24 -13.71 34.22
C SER C 196 5.57 -12.98 34.23
N SER C 197 5.97 -12.56 35.43
CA SER C 197 7.28 -11.97 35.61
C SER C 197 7.87 -12.51 36.90
N VAL C 198 9.21 -12.59 36.94
CA VAL C 198 9.90 -13.19 38.07
C VAL C 198 11.24 -12.51 38.26
N VAL C 199 11.62 -12.30 39.52
CA VAL C 199 12.91 -11.74 39.88
C VAL C 199 13.54 -12.65 40.92
N THR C 200 14.86 -12.79 40.86
CA THR C 200 15.59 -13.65 41.78
C THR C 200 16.31 -12.79 42.82
N VAL C 201 16.08 -13.09 44.09
CA VAL C 201 16.69 -12.34 45.20
C VAL C 201 17.28 -13.34 46.18
N PRO C 202 18.27 -12.93 46.97
CA PRO C 202 18.84 -13.83 47.98
C PRO C 202 17.78 -14.31 48.96
N SER C 203 17.79 -15.62 49.23
CA SER C 203 16.77 -16.23 50.12
C SER C 203 16.92 -15.72 51.56
N SER C 204 18.16 -15.66 52.06
CA SER C 204 18.38 -15.10 53.41
C SER C 204 17.77 -13.69 53.43
N SER C 205 17.66 -13.06 52.26
CA SER C 205 17.06 -11.71 52.16
C SER C 205 15.60 -11.80 51.71
N LEU C 206 14.95 -12.96 51.90
CA LEU C 206 13.49 -13.03 51.56
C LEU C 206 12.61 -12.76 52.77
N GLY C 207 12.91 -13.39 53.89
CA GLY C 207 12.03 -13.32 55.06
C GLY C 207 11.88 -11.99 55.77
N THR C 208 12.58 -10.90 55.39
CA THR C 208 12.32 -9.66 56.12
C THR C 208 12.24 -8.42 55.24
N GLN C 209 12.65 -8.49 53.97
CA GLN C 209 12.70 -7.31 53.12
C GLN C 209 11.31 -7.00 52.56
N THR C 210 11.27 -6.10 51.57
CA THR C 210 10.03 -5.70 50.92
C THR C 210 10.15 -5.91 49.43
N TYR C 211 9.17 -6.58 48.83
CA TYR C 211 9.12 -6.76 47.39
C TYR C 211 7.70 -6.62 46.89
N ILE C 212 7.51 -5.71 45.92
CA ILE C 212 6.21 -5.41 45.36
C ILE C 212 6.33 -5.38 43.84
N CYS C 213 5.40 -6.03 43.16
CA CYS C 213 5.30 -5.96 41.71
C CYS C 213 4.07 -5.13 41.33
N ASN C 214 4.25 -4.26 40.35
CA ASN C 214 3.25 -3.28 39.99
C ASN C 214 2.78 -3.56 38.57
N VAL C 215 1.48 -3.75 38.41
CA VAL C 215 0.89 -4.10 37.12
C VAL C 215 0.10 -2.90 36.60
N ASN C 216 0.33 -2.54 35.34
CA ASN C 216 -0.33 -1.40 34.73
C ASN C 216 -1.02 -1.88 33.46
N HIS C 217 -2.33 -1.66 33.39
CA HIS C 217 -3.12 -1.99 32.21
C HIS C 217 -3.73 -0.68 31.72
N LYS C 218 -3.39 -0.29 30.49
CA LYS C 218 -3.79 1.00 29.95
C LYS C 218 -5.25 1.02 29.48
N PRO C 219 -5.68 0.11 28.60
CA PRO C 219 -7.09 0.17 28.15
C PRO C 219 -8.09 0.03 29.28
N SER C 220 -7.81 -0.81 30.27
CA SER C 220 -8.71 -0.94 31.41
C SER C 220 -8.49 0.15 32.45
N ASN C 221 -7.44 0.95 32.29
CA ASN C 221 -7.13 2.07 33.19
C ASN C 221 -6.99 1.59 34.64
N THR C 222 -5.96 0.75 34.84
CA THR C 222 -5.69 0.27 36.19
C THR C 222 -4.17 0.24 36.43
N LYS C 223 -3.81 0.41 37.70
CA LYS C 223 -2.43 0.26 38.18
C LYS C 223 -2.52 -0.41 39.55
N VAL C 224 -2.44 -1.73 39.56
CA VAL C 224 -2.61 -2.51 40.77
C VAL C 224 -1.23 -2.80 41.37
N ASP C 225 -1.21 -2.95 42.69
CA ASP C 225 -0.01 -3.20 43.46
C ASP C 225 -0.11 -4.61 44.03
N LYS C 226 1.03 -5.32 44.12
CA LYS C 226 1.03 -6.63 44.76
C LYS C 226 2.27 -6.79 45.61
N LYS C 227 2.07 -7.02 46.90
CA LYS C 227 3.16 -7.24 47.85
C LYS C 227 3.40 -8.73 47.96
N VAL C 228 4.53 -9.21 47.45
CA VAL C 228 4.82 -10.64 47.37
C VAL C 228 5.79 -11.00 48.49
N GLU C 229 5.42 -12.00 49.28
CA GLU C 229 6.26 -12.51 50.36
C GLU C 229 5.90 -13.96 50.61
N PRO C 230 6.82 -14.76 51.15
CA PRO C 230 6.50 -16.16 51.42
C PRO C 230 5.39 -16.29 52.46
N LYS C 231 4.54 -17.29 52.25
CA LYS C 231 3.43 -17.59 53.15
C LYS C 231 3.57 -19.02 53.65
N SER C 232 3.49 -19.19 54.96
CA SER C 232 3.61 -20.52 55.57
C SER C 232 2.79 -20.60 56.85
N ASP D 1 3.06 -24.36 -5.05
CA ASP D 1 3.09 -25.64 -4.34
C ASP D 1 4.49 -26.25 -4.35
N ILE D 2 5.47 -25.46 -3.93
CA ILE D 2 6.86 -25.90 -3.81
C ILE D 2 7.30 -25.70 -2.37
N VAL D 3 7.86 -26.74 -1.77
CA VAL D 3 8.21 -26.76 -0.36
C VAL D 3 9.72 -26.74 -0.23
N MET D 4 10.24 -25.83 0.58
CA MET D 4 11.67 -25.73 0.83
C MET D 4 12.05 -26.32 2.18
N THR D 5 13.36 -26.34 2.42
CA THR D 5 13.90 -26.67 3.73
C THR D 5 15.23 -25.96 3.89
N GLN D 6 15.65 -25.79 5.13
CA GLN D 6 16.89 -25.09 5.43
C GLN D 6 17.71 -25.92 6.42
N SER D 7 19.03 -25.68 6.42
CA SER D 7 19.89 -26.40 7.32
C SER D 7 21.16 -25.60 7.59
N PRO D 8 21.69 -25.62 8.82
CA PRO D 8 21.09 -26.28 9.97
C PRO D 8 19.89 -25.51 10.50
N LEU D 9 19.03 -26.15 11.28
CA LEU D 9 17.82 -25.49 11.76
C LEU D 9 18.17 -24.28 12.62
N SER D 10 19.14 -24.42 13.52
CA SER D 10 19.61 -23.30 14.33
C SER D 10 21.07 -23.55 14.67
N LEU D 11 21.92 -22.57 14.37
CA LEU D 11 23.34 -22.72 14.64
C LEU D 11 23.86 -21.53 15.43
N PRO D 12 24.71 -21.75 16.42
CA PRO D 12 25.34 -20.64 17.12
C PRO D 12 26.65 -20.22 16.47
N VAL D 13 26.80 -18.93 16.19
CA VAL D 13 27.99 -18.39 15.55
C VAL D 13 28.71 -17.48 16.53
N THR D 14 30.03 -17.39 16.39
CA THR D 14 30.85 -16.53 17.24
C THR D 14 31.57 -15.49 16.39
N PRO D 15 31.62 -14.21 16.82
CA PRO D 15 32.21 -13.14 15.99
C PRO D 15 33.59 -13.51 15.45
N GLY D 16 33.82 -13.30 14.14
CA GLY D 16 35.13 -13.60 13.53
C GLY D 16 35.18 -15.01 12.95
N GLU D 17 34.05 -15.72 12.97
CA GLU D 17 34.00 -17.10 12.42
C GLU D 17 33.04 -17.15 11.22
N PRO D 18 33.46 -17.67 10.05
CA PRO D 18 32.62 -17.72 8.87
C PRO D 18 31.34 -18.53 9.11
N ALA D 19 30.24 -18.14 8.46
CA ALA D 19 28.95 -18.85 8.63
C ALA D 19 28.54 -19.50 7.30
N SER D 20 27.76 -20.58 7.36
CA SER D 20 27.31 -21.28 6.12
C SER D 20 25.89 -21.82 6.33
N ILE D 21 25.00 -21.60 5.36
CA ILE D 21 23.61 -22.04 5.50
C ILE D 21 23.12 -22.54 4.15
N SER D 22 22.39 -23.65 4.15
CA SER D 22 21.94 -24.30 2.93
C SER D 22 20.43 -24.29 2.83
N CYS D 23 19.91 -23.90 1.67
CA CYS D 23 18.50 -23.93 1.35
C CYS D 23 18.28 -24.92 0.22
N ARG D 24 17.32 -25.82 0.40
CA ARG D 24 17.02 -26.87 -0.55
C ARG D 24 15.56 -26.78 -0.99
N SER D 25 15.32 -27.12 -2.25
CA SER D 25 13.99 -27.02 -2.85
C SER D 25 13.47 -28.38 -3.28
N SER D 26 12.34 -28.39 -3.98
CA SER D 26 11.77 -29.63 -4.52
C SER D 26 11.94 -29.71 -6.03
N GLN D 27 11.74 -28.61 -6.74
CA GLN D 27 11.94 -28.55 -8.18
C GLN D 27 13.04 -27.54 -8.47
N SER D 28 14.01 -27.94 -9.29
CA SER D 28 15.12 -27.06 -9.62
C SER D 28 14.61 -25.78 -10.26
N LEU D 29 15.11 -24.64 -9.78
CA LEU D 29 14.60 -23.36 -10.21
C LEU D 29 15.32 -22.81 -11.43
N LEU D 30 16.13 -23.60 -12.12
CA LEU D 30 16.75 -23.15 -13.36
C LEU D 30 15.69 -22.80 -14.39
N HIS D 31 15.56 -21.51 -14.67
CA HIS D 31 14.63 -21.01 -15.68
C HIS D 31 15.24 -21.15 -17.06
N SER D 32 14.45 -20.81 -18.08
CA SER D 32 14.95 -20.85 -19.45
C SER D 32 16.10 -19.89 -19.67
N ASN D 33 16.10 -18.75 -18.97
CA ASN D 33 17.20 -17.81 -19.08
C ASN D 33 18.51 -18.37 -18.56
N GLY D 34 18.45 -19.35 -17.67
CA GLY D 34 19.63 -19.83 -16.98
C GLY D 34 19.86 -19.20 -15.62
N TYR D 35 18.88 -18.48 -15.09
CA TYR D 35 18.98 -17.84 -13.78
C TYR D 35 18.19 -18.63 -12.76
N ASN D 36 18.79 -18.82 -11.58
CA ASN D 36 18.03 -19.33 -10.45
C ASN D 36 17.33 -18.18 -9.74
N TYR D 37 16.09 -18.40 -9.32
CA TYR D 37 15.24 -17.32 -8.84
C TYR D 37 15.17 -17.25 -7.31
N LEU D 38 16.05 -17.95 -6.61
CA LEU D 38 16.03 -17.92 -5.15
C LEU D 38 16.52 -16.57 -4.63
N ASP D 39 15.97 -16.15 -3.50
CA ASP D 39 16.35 -14.92 -2.83
C ASP D 39 16.60 -15.20 -1.36
N TRP D 40 17.55 -14.46 -0.78
CA TRP D 40 17.93 -14.63 0.61
C TRP D 40 17.60 -13.37 1.39
N TYR D 41 16.86 -13.53 2.49
CA TYR D 41 16.30 -12.44 3.26
C TYR D 41 16.73 -12.54 4.72
N LEU D 42 16.91 -11.38 5.35
CA LEU D 42 17.35 -11.26 6.73
C LEU D 42 16.29 -10.53 7.55
N GLN D 43 16.16 -10.92 8.81
CA GLN D 43 15.35 -10.19 9.77
C GLN D 43 16.13 -10.02 11.06
N LYS D 44 16.26 -8.76 11.50
CA LYS D 44 16.86 -8.37 12.76
C LYS D 44 15.86 -8.48 13.89
N PRO D 45 16.30 -8.60 15.14
CA PRO D 45 15.35 -8.76 16.24
C PRO D 45 14.61 -7.47 16.56
N GLY D 46 13.33 -7.41 16.21
CA GLY D 46 12.50 -6.27 16.53
C GLY D 46 12.33 -5.24 15.44
N GLN D 47 12.69 -5.55 14.20
CA GLN D 47 12.53 -4.62 13.09
C GLN D 47 11.96 -5.35 11.89
N SER D 48 11.64 -4.58 10.86
CA SER D 48 11.20 -5.17 9.60
C SER D 48 12.36 -5.89 8.92
N PRO D 49 12.08 -6.98 8.21
CA PRO D 49 13.15 -7.71 7.52
C PRO D 49 13.75 -6.87 6.40
N GLN D 50 14.88 -7.36 5.87
CA GLN D 50 15.59 -6.66 4.81
C GLN D 50 16.16 -7.66 3.83
N LEU D 51 16.42 -7.18 2.61
CA LEU D 51 16.93 -8.02 1.53
C LEU D 51 18.43 -8.23 1.65
N LEU D 52 18.88 -9.45 1.37
CA LEU D 52 20.30 -9.77 1.33
C LEU D 52 20.79 -10.10 -0.07
N ILE D 53 20.18 -11.08 -0.73
CA ILE D 53 20.66 -11.52 -2.04
C ILE D 53 19.46 -11.79 -2.95
N TYR D 54 19.56 -11.32 -4.21
CA TYR D 54 18.54 -11.61 -5.20
C TYR D 54 19.18 -12.21 -6.44
N LEU D 55 18.39 -13.03 -7.14
CA LEU D 55 18.83 -13.75 -8.34
C LEU D 55 20.01 -14.67 -8.03
N GLY D 56 19.83 -15.53 -7.03
CA GLY D 56 20.82 -16.56 -6.74
C GLY D 56 22.05 -16.03 -6.03
N SER D 57 22.89 -15.28 -6.74
CA SER D 57 24.15 -14.79 -6.14
C SER D 57 24.25 -13.27 -6.27
N ASN D 58 23.54 -12.69 -7.24
CA ASN D 58 23.63 -11.22 -7.47
C ASN D 58 23.50 -10.52 -6.11
N ARG D 59 24.56 -9.83 -5.68
CA ARG D 59 24.54 -9.16 -4.36
C ARG D 59 23.56 -7.99 -4.40
N ALA D 60 22.80 -7.80 -3.33
CA ALA D 60 21.84 -6.70 -3.28
C ALA D 60 22.56 -5.37 -3.05
N SER D 61 21.82 -4.28 -3.21
CA SER D 61 22.39 -2.95 -3.10
C SER D 61 22.44 -2.51 -1.64
N GLY D 62 23.55 -1.88 -1.27
CA GLY D 62 23.70 -1.28 0.04
C GLY D 62 24.18 -2.21 1.14
N VAL D 63 24.39 -3.48 0.86
CA VAL D 63 24.90 -4.40 1.88
C VAL D 63 26.40 -4.55 1.68
N PRO D 64 27.16 -4.82 2.75
CA PRO D 64 28.61 -4.96 2.62
C PRO D 64 29.00 -6.22 1.87
N ASP D 65 30.27 -6.28 1.49
CA ASP D 65 30.80 -7.37 0.68
C ASP D 65 31.23 -8.57 1.52
N ARG D 66 30.66 -8.72 2.71
CA ARG D 66 30.96 -9.81 3.61
C ARG D 66 30.07 -11.03 3.41
N PHE D 67 29.07 -10.94 2.54
CA PHE D 67 28.17 -12.05 2.24
C PHE D 67 28.52 -12.66 0.90
N SER D 68 28.30 -13.97 0.77
CA SER D 68 28.50 -14.66 -0.49
C SER D 68 27.36 -15.65 -0.70
N GLY D 69 26.93 -15.77 -1.95
CA GLY D 69 25.88 -16.72 -2.31
C GLY D 69 26.36 -17.62 -3.44
N SER D 70 26.00 -18.90 -3.36
CA SER D 70 26.42 -19.86 -4.36
C SER D 70 25.39 -20.98 -4.43
N GLY D 71 25.63 -21.91 -5.36
CA GLY D 71 24.77 -23.06 -5.54
C GLY D 71 23.92 -22.94 -6.79
N SER D 72 23.19 -24.02 -7.06
CA SER D 72 22.34 -24.11 -8.24
C SER D 72 21.48 -25.37 -8.10
N GLY D 73 20.73 -25.68 -9.15
CA GLY D 73 19.88 -26.84 -9.16
C GLY D 73 18.82 -26.79 -8.08
N THR D 74 18.98 -27.62 -7.05
CA THR D 74 18.07 -27.66 -5.92
C THR D 74 18.78 -27.36 -4.60
N ASP D 75 20.03 -26.91 -4.65
CA ASP D 75 20.77 -26.62 -3.42
C ASP D 75 21.50 -25.29 -3.56
N PHE D 76 21.29 -24.40 -2.60
CA PHE D 76 21.96 -23.10 -2.60
C PHE D 76 22.50 -22.85 -1.20
N THR D 77 23.55 -22.04 -1.13
CA THR D 77 24.19 -21.75 0.15
C THR D 77 24.53 -20.27 0.25
N LEU D 78 24.49 -19.78 1.49
CA LEU D 78 24.92 -18.44 1.85
C LEU D 78 26.03 -18.54 2.89
N LYS D 79 27.12 -17.83 2.65
CA LYS D 79 28.29 -17.88 3.52
C LYS D 79 28.66 -16.47 3.97
N ILE D 80 28.80 -16.30 5.28
CA ILE D 80 29.23 -15.06 5.89
C ILE D 80 30.70 -15.22 6.25
N SER D 81 31.58 -14.50 5.55
CA SER D 81 33.01 -14.70 5.70
C SER D 81 33.51 -14.25 7.06
N ARG D 82 33.13 -13.04 7.49
CA ARG D 82 33.57 -12.47 8.75
C ARG D 82 32.33 -12.00 9.52
N VAL D 83 31.80 -12.88 10.36
CA VAL D 83 30.61 -12.54 11.13
C VAL D 83 30.99 -11.57 12.25
N GLU D 84 30.04 -10.72 12.63
CA GLU D 84 30.30 -9.69 13.62
C GLU D 84 29.15 -9.63 14.63
N ALA D 85 29.14 -8.57 15.45
CA ALA D 85 28.13 -8.43 16.49
C ALA D 85 26.78 -7.99 15.96
N GLU D 86 26.67 -7.63 14.68
CA GLU D 86 25.45 -7.08 14.12
C GLU D 86 24.89 -8.02 13.05
N ASP D 87 25.06 -9.33 13.25
CA ASP D 87 24.63 -10.36 12.32
C ASP D 87 23.86 -11.46 13.06
N VAL D 88 22.90 -11.05 13.89
CA VAL D 88 22.05 -12.00 14.60
C VAL D 88 20.62 -11.81 14.14
N GLY D 89 19.84 -12.89 14.21
CA GLY D 89 18.46 -12.82 13.79
C GLY D 89 17.95 -14.05 13.09
N VAL D 90 17.15 -13.87 12.05
CA VAL D 90 16.53 -14.98 11.31
C VAL D 90 16.80 -14.80 9.82
N TYR D 91 17.00 -15.92 9.13
CA TYR D 91 17.28 -15.94 7.71
C TYR D 91 16.25 -16.79 6.98
N TYR D 92 15.82 -16.32 5.80
CA TYR D 92 14.83 -17.01 5.00
C TYR D 92 15.28 -17.08 3.55
N CYS D 93 14.82 -18.11 2.84
CA CYS D 93 15.03 -18.23 1.40
C CYS D 93 13.67 -18.31 0.71
N MET D 94 13.51 -17.53 -0.35
CA MET D 94 12.23 -17.34 -1.03
C MET D 94 12.35 -17.66 -2.51
N GLN D 95 11.43 -18.46 -3.03
CA GLN D 95 11.42 -18.78 -4.44
C GLN D 95 10.74 -17.67 -5.24
N ALA D 96 10.99 -17.67 -6.54
CA ALA D 96 10.34 -16.70 -7.41
C ALA D 96 9.94 -17.31 -8.75
N LEU D 97 9.86 -18.63 -8.84
CA LEU D 97 9.62 -19.30 -10.12
C LEU D 97 8.14 -19.59 -10.34
N GLN D 98 7.53 -20.37 -9.45
CA GLN D 98 6.19 -20.89 -9.64
C GLN D 98 5.28 -20.33 -8.56
N THR D 99 4.41 -19.41 -8.93
CA THR D 99 3.49 -18.80 -7.97
C THR D 99 2.52 -19.85 -7.44
N PRO D 100 2.15 -19.79 -6.15
CA PRO D 100 2.55 -18.79 -5.16
C PRO D 100 3.97 -18.97 -4.66
N PHE D 101 4.59 -17.88 -4.20
CA PHE D 101 5.93 -17.95 -3.64
C PHE D 101 5.89 -18.59 -2.26
N THR D 102 7.06 -18.81 -1.67
CA THR D 102 7.14 -19.52 -0.40
C THR D 102 8.35 -19.03 0.36
N PHE D 103 8.29 -19.13 1.68
CA PHE D 103 9.40 -18.80 2.56
C PHE D 103 9.78 -20.03 3.37
N GLY D 104 11.07 -20.21 3.59
CA GLY D 104 11.56 -21.32 4.38
C GLY D 104 11.21 -21.16 5.83
N PRO D 105 11.33 -22.23 6.61
CA PRO D 105 11.03 -22.14 8.05
C PRO D 105 11.88 -21.12 8.78
N GLY D 106 13.12 -20.90 8.33
CA GLY D 106 13.95 -19.86 8.90
C GLY D 106 15.06 -20.37 9.77
N THR D 107 16.26 -19.84 9.57
CA THR D 107 17.42 -20.19 10.37
C THR D 107 17.66 -19.12 11.42
N LYS D 108 17.91 -19.55 12.65
CA LYS D 108 18.05 -18.66 13.80
C LYS D 108 19.53 -18.55 14.14
N VAL D 109 20.12 -17.39 13.88
CA VAL D 109 21.52 -17.14 14.14
C VAL D 109 21.66 -16.29 15.40
N ASP D 110 22.54 -16.72 16.30
CA ASP D 110 22.74 -16.05 17.58
C ASP D 110 24.22 -16.14 17.94
N ILE D 111 24.57 -15.59 19.10
CA ILE D 111 25.94 -15.56 19.57
C ILE D 111 26.19 -16.75 20.49
N LYS D 112 27.30 -17.44 20.26
CA LYS D 112 27.66 -18.64 21.03
C LYS D 112 28.50 -18.26 22.24
N ARG D 113 28.51 -19.15 23.23
CA ARG D 113 29.32 -18.98 24.42
C ARG D 113 29.59 -20.37 25.00
N THR D 114 30.11 -20.41 26.23
CA THR D 114 30.33 -21.66 26.92
C THR D 114 29.00 -22.23 27.41
N VAL D 115 28.87 -23.55 27.34
CA VAL D 115 27.61 -24.21 27.71
C VAL D 115 27.37 -24.04 29.19
N ALA D 116 26.14 -23.66 29.54
CA ALA D 116 25.74 -23.48 30.93
C ALA D 116 24.48 -24.29 31.20
N ALA D 117 24.30 -24.64 32.48
CA ALA D 117 23.19 -25.48 32.92
C ALA D 117 22.08 -24.62 33.51
N PRO D 118 20.82 -25.00 33.31
CA PRO D 118 19.71 -24.22 33.85
C PRO D 118 19.59 -24.34 35.35
N SER D 119 18.93 -23.35 35.95
CA SER D 119 18.46 -23.43 37.32
C SER D 119 16.95 -23.56 37.30
N VAL D 120 16.43 -24.47 38.12
CA VAL D 120 15.06 -24.97 38.02
C VAL D 120 14.29 -24.63 39.28
N PHE D 121 13.05 -24.19 39.13
CA PHE D 121 12.17 -23.85 40.23
C PHE D 121 10.75 -24.28 39.91
N ILE D 122 9.95 -24.50 40.95
CA ILE D 122 8.57 -24.90 40.80
C ILE D 122 7.68 -23.97 41.64
N PHE D 123 6.42 -23.88 41.23
CA PHE D 123 5.49 -22.93 41.83
C PHE D 123 4.07 -23.47 41.82
N PRO D 124 3.51 -23.80 42.99
CA PRO D 124 2.16 -24.35 43.05
C PRO D 124 1.13 -23.23 43.08
N PRO D 125 -0.15 -23.54 42.88
CA PRO D 125 -1.18 -22.50 42.95
C PRO D 125 -1.38 -22.01 44.36
N SER D 126 -1.71 -20.72 44.47
CA SER D 126 -1.86 -20.05 45.75
C SER D 126 -3.22 -20.37 46.36
N ASP D 127 -3.58 -19.63 47.40
CA ASP D 127 -4.90 -19.72 48.00
C ASP D 127 -5.94 -18.93 47.21
N GLU D 128 -5.51 -18.08 46.29
CA GLU D 128 -6.44 -17.42 45.38
C GLU D 128 -6.93 -18.34 44.29
N GLN D 129 -6.29 -19.49 44.10
CA GLN D 129 -6.74 -20.55 43.20
C GLN D 129 -7.46 -21.67 43.93
N LEU D 130 -7.82 -21.46 45.19
CA LEU D 130 -8.63 -22.39 45.94
C LEU D 130 -10.06 -21.92 46.08
N LYS D 131 -10.33 -20.64 45.82
CA LYS D 131 -11.68 -20.10 45.80
C LYS D 131 -12.11 -19.66 44.41
N SER D 132 -11.43 -20.12 43.36
CA SER D 132 -11.71 -19.64 42.01
C SER D 132 -11.77 -20.75 40.98
N GLY D 133 -11.66 -22.02 41.38
CA GLY D 133 -11.85 -23.12 40.47
C GLY D 133 -10.74 -23.37 39.47
N THR D 134 -9.90 -22.37 39.23
CA THR D 134 -8.83 -22.45 38.25
C THR D 134 -7.51 -22.65 38.99
N ALA D 135 -6.82 -23.75 38.71
CA ALA D 135 -5.55 -24.07 39.37
C ALA D 135 -4.43 -24.03 38.35
N SER D 136 -3.36 -23.32 38.68
CA SER D 136 -2.23 -23.15 37.78
C SER D 136 -0.93 -23.50 38.48
N VAL D 137 -0.04 -24.20 37.78
CA VAL D 137 1.27 -24.58 38.27
C VAL D 137 2.31 -24.07 37.28
N VAL D 138 3.43 -23.55 37.80
CA VAL D 138 4.43 -22.90 36.96
C VAL D 138 5.80 -23.49 37.25
N CYS D 139 6.47 -23.97 36.22
CA CYS D 139 7.85 -24.44 36.32
C CYS D 139 8.76 -23.47 35.58
N LEU D 140 9.85 -23.07 36.23
CA LEU D 140 10.71 -22.00 35.74
C LEU D 140 12.12 -22.52 35.55
N LEU D 141 12.74 -22.17 34.43
CA LEU D 141 14.10 -22.56 34.08
C LEU D 141 14.83 -21.32 33.61
N ASN D 142 15.93 -20.98 34.28
CA ASN D 142 16.63 -19.75 33.93
C ASN D 142 18.13 -19.97 33.78
N ASN D 143 18.74 -19.14 32.92
CA ASN D 143 20.18 -19.09 32.73
C ASN D 143 20.72 -20.45 32.24
N PHE D 144 20.29 -20.81 31.04
CA PHE D 144 20.74 -22.04 30.39
C PHE D 144 21.11 -21.78 28.94
N TYR D 145 21.99 -22.64 28.43
CA TYR D 145 22.38 -22.67 27.03
C TYR D 145 22.46 -24.13 26.59
N PRO D 146 22.13 -24.42 25.32
CA PRO D 146 21.57 -23.54 24.30
C PRO D 146 20.05 -23.52 24.28
N ARG D 147 19.47 -23.07 23.17
CA ARG D 147 18.03 -22.89 23.07
C ARG D 147 17.26 -24.17 23.35
N GLU D 148 17.79 -25.31 22.92
CA GLU D 148 17.06 -26.56 23.04
C GLU D 148 17.02 -27.06 24.47
N ALA D 149 15.83 -27.47 24.91
CA ALA D 149 15.55 -28.04 26.22
C ALA D 149 14.08 -28.45 26.20
N LYS D 150 13.70 -29.38 27.08
CA LYS D 150 12.31 -29.82 27.01
C LYS D 150 11.85 -30.28 28.38
N VAL D 151 10.53 -30.29 28.58
CA VAL D 151 9.92 -30.50 29.90
C VAL D 151 8.82 -31.54 29.81
N GLN D 152 8.73 -32.37 30.85
CA GLN D 152 7.60 -33.25 31.10
C GLN D 152 6.83 -32.74 32.31
N TRP D 153 5.51 -32.77 32.22
CA TRP D 153 4.64 -32.47 33.35
C TRP D 153 4.07 -33.80 33.86
N LYS D 154 4.44 -34.18 35.07
CA LYS D 154 4.18 -35.53 35.57
C LYS D 154 3.29 -35.47 36.81
N VAL D 155 2.21 -36.25 36.79
CA VAL D 155 1.30 -36.34 37.92
C VAL D 155 0.96 -37.80 38.20
N ASP D 156 1.60 -38.36 39.23
CA ASP D 156 1.47 -39.78 39.57
C ASP D 156 1.79 -40.66 38.36
N ASN D 157 2.90 -40.33 37.70
CA ASN D 157 3.44 -41.07 36.56
C ASN D 157 2.55 -40.95 35.33
N ALA D 158 1.40 -40.27 35.46
CA ALA D 158 0.45 -40.14 34.37
C ALA D 158 0.77 -38.86 33.60
N LEU D 159 1.60 -38.99 32.57
CA LEU D 159 1.96 -37.84 31.76
C LEU D 159 0.72 -37.24 31.10
N GLN D 160 0.68 -35.91 31.06
CA GLN D 160 -0.41 -35.18 30.44
C GLN D 160 0.07 -34.51 29.16
N SER D 161 -0.85 -33.82 28.50
CA SER D 161 -0.53 -33.15 27.25
C SER D 161 -1.63 -32.13 26.95
N GLY D 162 -1.37 -31.29 25.95
CA GLY D 162 -2.35 -30.34 25.47
C GLY D 162 -2.57 -29.15 26.38
N ASN D 163 -2.89 -29.40 27.64
CA ASN D 163 -3.22 -28.33 28.58
C ASN D 163 -2.01 -27.55 29.07
N SER D 164 -0.81 -28.12 29.03
CA SER D 164 0.38 -27.43 29.50
C SER D 164 1.04 -26.70 28.34
N GLN D 165 1.38 -25.44 28.56
CA GLN D 165 2.04 -24.63 27.55
C GLN D 165 3.34 -24.06 28.11
N GLU D 166 4.05 -23.31 27.29
CA GLU D 166 5.38 -22.83 27.64
C GLU D 166 5.71 -21.58 26.84
N SER D 167 6.67 -20.82 27.37
CA SER D 167 7.14 -19.62 26.68
C SER D 167 8.58 -19.32 27.11
N VAL D 168 9.34 -18.76 26.18
CA VAL D 168 10.75 -18.45 26.40
C VAL D 168 11.01 -17.00 26.02
N THR D 169 12.13 -16.48 26.50
CA THR D 169 12.51 -15.09 26.33
C THR D 169 13.62 -14.97 25.30
N GLU D 170 14.03 -13.73 25.05
CA GLU D 170 15.17 -13.46 24.17
C GLU D 170 16.47 -13.75 24.91
N GLN D 171 17.55 -13.83 24.13
CA GLN D 171 18.86 -14.07 24.71
C GLN D 171 19.32 -12.84 25.49
N ASP D 172 19.74 -13.06 26.74
CA ASP D 172 20.23 -11.95 27.55
C ASP D 172 21.47 -11.36 26.91
N SER D 173 21.52 -10.02 26.85
CA SER D 173 22.59 -9.36 26.11
C SER D 173 23.95 -9.61 26.76
N LYS D 174 24.03 -9.54 28.08
CA LYS D 174 25.33 -9.62 28.74
C LYS D 174 25.90 -11.03 28.76
N ASP D 175 25.22 -11.96 29.43
CA ASP D 175 25.77 -13.30 29.65
C ASP D 175 25.25 -14.33 28.66
N SER D 176 24.35 -13.95 27.75
CA SER D 176 23.90 -14.80 26.65
C SER D 176 23.31 -16.11 27.17
N THR D 177 22.23 -15.99 27.94
CA THR D 177 21.53 -17.15 28.48
C THR D 177 20.04 -16.99 28.21
N TYR D 178 19.33 -18.12 28.31
CA TYR D 178 17.92 -18.20 28.00
C TYR D 178 17.10 -18.52 29.24
N SER D 179 15.79 -18.26 29.15
CA SER D 179 14.87 -18.61 30.21
C SER D 179 13.59 -19.19 29.61
N LEU D 180 13.16 -20.31 30.13
CA LEU D 180 11.93 -20.98 29.74
C LEU D 180 10.99 -21.03 30.93
N SER D 181 9.68 -21.05 30.65
CA SER D 181 8.71 -21.20 31.73
C SER D 181 7.47 -21.90 31.20
N SER D 182 7.05 -22.93 31.91
CA SER D 182 5.91 -23.74 31.53
C SER D 182 4.80 -23.57 32.56
N THR D 183 3.56 -23.63 32.08
CA THR D 183 2.39 -23.52 32.93
C THR D 183 1.41 -24.64 32.62
N LEU D 184 0.79 -25.15 33.68
CA LEU D 184 -0.22 -26.19 33.59
C LEU D 184 -1.48 -25.68 34.28
N THR D 185 -2.60 -25.69 33.57
CA THR D 185 -3.86 -25.18 34.08
C THR D 185 -4.88 -26.31 34.16
N LEU D 186 -5.73 -26.26 35.18
CA LEU D 186 -6.73 -27.31 35.35
C LEU D 186 -7.87 -26.79 36.21
N SER D 187 -8.91 -27.61 36.33
CA SER D 187 -10.12 -27.26 37.06
C SER D 187 -9.89 -27.43 38.56
N LYS D 188 -10.98 -27.38 39.33
CA LYS D 188 -10.87 -27.62 40.79
C LYS D 188 -11.42 -29.01 41.12
N ALA D 189 -11.50 -29.90 40.12
CA ALA D 189 -12.03 -31.24 40.32
C ALA D 189 -10.96 -32.30 40.44
N ASP D 190 -9.83 -32.13 39.76
CA ASP D 190 -8.73 -33.09 39.83
C ASP D 190 -7.50 -32.56 40.55
N TYR D 191 -7.36 -31.23 40.68
CA TYR D 191 -6.18 -30.67 41.31
C TYR D 191 -6.05 -31.14 42.76
N GLU D 192 -7.16 -31.16 43.49
CA GLU D 192 -7.16 -31.60 44.87
C GLU D 192 -7.33 -33.11 45.01
N LYS D 193 -6.97 -33.87 43.98
CA LYS D 193 -7.08 -35.32 44.00
C LYS D 193 -5.72 -35.99 43.95
N HIS D 194 -4.90 -35.67 42.95
CA HIS D 194 -3.57 -36.25 42.83
C HIS D 194 -2.60 -35.56 43.78
N LYS D 195 -1.58 -36.28 44.26
CA LYS D 195 -0.74 -35.67 45.33
C LYS D 195 0.59 -35.11 44.82
N VAL D 196 1.41 -35.91 44.15
CA VAL D 196 2.76 -35.44 43.84
C VAL D 196 2.78 -34.94 42.40
N TYR D 197 3.21 -33.69 42.22
CA TYR D 197 3.27 -33.05 40.91
C TYR D 197 4.73 -32.71 40.63
N ALA D 198 5.20 -33.02 39.41
CA ALA D 198 6.61 -32.91 39.09
C ALA D 198 6.81 -32.24 37.75
N CYS D 199 7.88 -31.44 37.68
CA CYS D 199 8.39 -30.85 36.45
C CYS D 199 9.72 -31.51 36.14
N GLU D 200 9.84 -32.12 34.97
CA GLU D 200 11.06 -32.81 34.56
C GLU D 200 11.70 -32.05 33.41
N VAL D 201 13.00 -31.78 33.53
CA VAL D 201 13.73 -31.00 32.54
C VAL D 201 14.80 -31.87 31.92
N THR D 202 14.89 -31.84 30.58
CA THR D 202 15.95 -32.49 29.85
C THR D 202 16.74 -31.45 29.06
N HIS D 203 18.06 -31.50 29.21
CA HIS D 203 18.99 -30.57 28.60
C HIS D 203 20.34 -31.26 28.50
N GLN D 204 21.18 -30.77 27.58
CA GLN D 204 22.48 -31.40 27.37
C GLN D 204 23.38 -31.26 28.58
N GLY D 205 23.38 -30.09 29.23
CA GLY D 205 24.31 -29.82 30.31
C GLY D 205 24.11 -30.67 31.54
N LEU D 206 22.97 -31.31 31.68
CA LEU D 206 22.69 -32.17 32.83
C LEU D 206 22.92 -33.62 32.48
N SER D 207 23.53 -34.37 33.40
CA SER D 207 23.80 -35.78 33.16
C SER D 207 22.50 -36.56 32.95
N SER D 208 21.51 -36.30 33.78
CA SER D 208 20.20 -36.91 33.66
C SER D 208 19.12 -35.83 33.75
N PRO D 209 17.95 -36.05 33.15
CA PRO D 209 16.85 -35.11 33.33
C PRO D 209 16.52 -34.94 34.80
N VAL D 210 16.32 -33.68 35.21
CA VAL D 210 16.15 -33.33 36.61
C VAL D 210 14.66 -33.20 36.90
N THR D 211 14.21 -33.84 37.97
CA THR D 211 12.81 -33.83 38.38
C THR D 211 12.66 -33.02 39.65
N LYS D 212 11.89 -31.94 39.58
CA LYS D 212 11.54 -31.14 40.75
C LYS D 212 10.07 -31.39 41.07
N SER D 213 9.81 -31.94 42.25
CA SER D 213 8.47 -32.40 42.61
C SER D 213 8.03 -31.74 43.90
N PHE D 214 6.71 -31.55 44.03
CA PHE D 214 6.13 -31.13 45.30
C PHE D 214 4.93 -32.01 45.60
N ASN D 215 4.67 -32.14 46.90
CA ASN D 215 3.52 -32.97 47.35
C ASN D 215 2.44 -32.04 47.90
N ARG D 216 1.18 -32.44 47.79
CA ARG D 216 0.05 -31.67 48.30
C ARG D 216 -0.10 -31.87 49.80
N GLY D 217 -0.62 -30.83 50.48
CA GLY D 217 -0.84 -30.92 51.93
C GLY D 217 0.48 -30.89 52.70
N GLU D 218 1.34 -31.88 52.47
CA GLU D 218 2.66 -31.96 53.17
C GLU D 218 2.42 -31.95 54.69
C1 NAG E . -2.86 10.67 0.43
C2 NAG E . -2.88 10.44 1.95
C3 NAG E . -3.66 9.18 2.28
C4 NAG E . -5.05 9.27 1.67
C5 NAG E . -4.95 9.55 0.17
C6 NAG E . -6.33 9.73 -0.45
C7 NAG E . -0.82 11.42 2.75
C8 NAG E . 0.60 11.42 2.28
N2 NAG E . -1.53 10.34 2.45
O3 NAG E . -3.77 9.04 3.69
O4 NAG E . -5.74 8.03 1.88
O5 NAG E . -4.21 10.75 -0.03
O6 NAG E . -7.13 8.56 -0.22
O7 NAG E . -1.30 12.36 3.35
C1 NAG F . 8.15 -7.39 -27.50
C2 NAG F . 7.84 -8.70 -28.22
C3 NAG F . 8.44 -8.68 -29.62
C4 NAG F . 7.96 -7.44 -30.36
C5 NAG F . 8.28 -6.20 -29.55
C6 NAG F . 7.76 -4.95 -30.27
C7 NAG F . 7.64 -10.34 -26.46
C8 NAG F . 6.24 -10.73 -26.79
N2 NAG F . 8.34 -9.82 -27.46
O3 NAG F . 8.04 -9.86 -30.33
O4 NAG F . 8.60 -7.37 -31.63
O5 NAG F . 7.66 -6.28 -28.26
O6 NAG F . 6.34 -4.99 -30.31
O7 NAG F . 8.11 -10.47 -25.34
#